data_1KVJ
#
_entry.id   1KVJ
#
loop_
_entity.id
_entity.type
_entity.pdbx_description
1 polymer 'Copper-transporting ATPase 1'
2 non-polymer 'COPPER (I) ION'
#
_entity_poly.entity_id   1
_entity_poly.type   'polypeptide(L)'
_entity_poly.pdbx_seq_one_letter_code
;MDPSMGVNSVTISVEGMTCNSCVWTIEQQIGKVNGVHHIKVSLEEKNATIIYDPKLQTPKTLQEAIDDMGFDAVIHNPD
;
_entity_poly.pdbx_strand_id   A
#
loop_
_chem_comp.id
_chem_comp.type
_chem_comp.name
_chem_comp.formula
CU1 non-polymer 'COPPER (I) ION' 'Cu 1'
#
# COMPACT_ATOMS: atom_id res chain seq x y z
N MET A 1 -14.64 1.43 17.19
CA MET A 1 -15.05 0.02 17.49
C MET A 1 -14.17 -0.97 16.70
N ASP A 2 -14.25 -0.96 15.39
CA ASP A 2 -13.43 -1.91 14.57
C ASP A 2 -12.51 -1.15 13.60
N PRO A 3 -11.49 -0.55 14.16
CA PRO A 3 -10.48 0.17 13.33
C PRO A 3 -9.67 -0.87 12.55
N SER A 4 -9.68 -2.11 13.02
CA SER A 4 -8.94 -3.21 12.34
C SER A 4 -9.20 -4.52 13.09
N MET A 5 -10.43 -4.75 13.52
CA MET A 5 -10.76 -6.01 14.28
C MET A 5 -10.05 -7.24 13.72
N GLY A 6 -9.95 -7.39 12.42
CA GLY A 6 -9.26 -8.58 11.84
C GLY A 6 -8.44 -8.21 10.60
N VAL A 7 -7.66 -7.15 10.67
CA VAL A 7 -6.81 -6.75 9.49
C VAL A 7 -5.43 -6.26 9.96
N ASN A 8 -4.54 -5.94 9.05
CA ASN A 8 -3.18 -5.45 9.47
C ASN A 8 -2.75 -4.23 8.65
N SER A 9 -1.72 -3.54 9.08
CA SER A 9 -1.25 -2.33 8.32
C SER A 9 0.15 -2.54 7.74
N VAL A 10 0.44 -1.90 6.63
CA VAL A 10 1.77 -2.06 5.98
C VAL A 10 2.23 -0.73 5.35
N THR A 11 3.44 -0.32 5.63
CA THR A 11 3.98 0.96 5.07
C THR A 11 5.06 0.69 4.02
N ILE A 12 4.85 1.17 2.83
CA ILE A 12 5.84 0.93 1.74
C ILE A 12 6.59 2.21 1.37
N SER A 13 7.90 2.20 1.48
CA SER A 13 8.69 3.41 1.09
C SER A 13 8.63 3.53 -0.43
N VAL A 14 8.37 4.70 -0.95
CA VAL A 14 8.27 4.85 -2.43
C VAL A 14 9.18 5.98 -2.93
N GLU A 15 9.49 5.97 -4.20
CA GLU A 15 10.35 7.05 -4.77
C GLU A 15 10.13 7.17 -6.30
N GLY A 16 10.46 8.31 -6.86
CA GLY A 16 10.28 8.50 -8.33
C GLY A 16 8.79 8.68 -8.68
N MET A 17 7.97 9.07 -7.72
CA MET A 17 6.52 9.25 -8.02
C MET A 17 6.03 10.63 -7.52
N THR A 18 6.89 11.61 -7.49
CA THR A 18 6.49 12.97 -7.02
C THR A 18 5.59 13.68 -8.05
N CYS A 19 4.55 13.02 -8.51
CA CYS A 19 3.63 13.66 -9.49
C CYS A 19 2.23 13.05 -9.31
N ASN A 20 1.28 13.89 -8.95
CA ASN A 20 -0.16 13.48 -8.71
C ASN A 20 -0.48 12.08 -9.25
N SER A 21 -0.18 11.84 -10.49
CA SER A 21 -0.47 10.50 -11.10
C SER A 21 0.09 9.32 -10.26
N CYS A 22 0.96 9.55 -9.32
CA CYS A 22 1.48 8.39 -8.54
C CYS A 22 0.63 8.16 -7.29
N VAL A 23 -0.02 9.18 -6.82
CA VAL A 23 -0.88 9.04 -5.61
C VAL A 23 -2.27 8.61 -6.03
N TRP A 24 -2.74 9.08 -7.17
CA TRP A 24 -4.10 8.64 -7.59
C TRP A 24 -3.99 7.26 -8.27
N THR A 25 -2.83 6.90 -8.77
CA THR A 25 -2.69 5.54 -9.39
C THR A 25 -2.31 4.49 -8.32
N ILE A 26 -1.69 4.90 -7.24
CA ILE A 26 -1.30 3.93 -6.15
C ILE A 26 -2.41 3.86 -5.10
N GLU A 27 -3.17 4.91 -4.97
CA GLU A 27 -4.30 4.91 -4.01
C GLU A 27 -5.44 4.16 -4.67
N GLN A 28 -5.62 4.38 -5.95
CA GLN A 28 -6.70 3.65 -6.66
C GLN A 28 -6.31 2.17 -6.79
N GLN A 29 -5.02 1.90 -6.94
CA GLN A 29 -4.59 0.48 -7.07
C GLN A 29 -4.61 -0.21 -5.70
N ILE A 30 -3.83 0.25 -4.75
CA ILE A 30 -3.84 -0.40 -3.39
C ILE A 30 -5.23 -0.30 -2.78
N GLY A 31 -5.80 0.88 -2.75
CA GLY A 31 -7.18 1.06 -2.17
C GLY A 31 -8.14 -0.02 -2.71
N LYS A 32 -8.12 -0.29 -4.00
CA LYS A 32 -9.06 -1.31 -4.56
C LYS A 32 -8.35 -2.64 -4.91
N VAL A 33 -7.16 -2.86 -4.40
CA VAL A 33 -6.43 -4.14 -4.74
C VAL A 33 -7.17 -5.35 -4.15
N ASN A 34 -7.64 -5.26 -2.93
CA ASN A 34 -8.37 -6.42 -2.31
C ASN A 34 -9.19 -5.96 -1.10
N GLY A 35 -8.55 -5.72 0.02
CA GLY A 35 -9.27 -5.27 1.25
C GLY A 35 -8.42 -4.22 1.97
N VAL A 36 -8.39 -3.03 1.45
CA VAL A 36 -7.60 -1.95 2.08
C VAL A 36 -8.56 -1.04 2.82
N HIS A 37 -8.75 -1.35 4.05
CA HIS A 37 -9.68 -0.54 4.91
C HIS A 37 -9.19 0.92 5.04
N HIS A 38 -7.95 1.16 4.67
CA HIS A 38 -7.37 2.54 4.74
C HIS A 38 -6.01 2.54 4.02
N ILE A 39 -5.86 3.37 3.02
CA ILE A 39 -4.57 3.41 2.26
C ILE A 39 -3.99 4.85 2.32
N LYS A 40 -2.74 5.00 2.70
CA LYS A 40 -2.17 6.38 2.76
C LYS A 40 -0.88 6.50 1.92
N VAL A 41 -1.00 7.04 0.74
CA VAL A 41 0.18 7.23 -0.13
C VAL A 41 0.51 8.73 -0.16
N SER A 42 1.75 9.09 -0.41
CA SER A 42 2.10 10.52 -0.41
C SER A 42 3.32 10.78 -1.32
N LEU A 43 3.05 11.15 -2.54
CA LEU A 43 4.15 11.42 -3.54
C LEU A 43 5.25 12.32 -2.94
N GLU A 44 4.96 13.14 -1.95
CA GLU A 44 6.02 14.01 -1.36
C GLU A 44 6.63 13.37 -0.10
N GLU A 45 5.84 12.75 0.71
CA GLU A 45 6.40 12.06 1.92
C GLU A 45 7.12 10.77 1.48
N LYS A 46 7.05 10.44 0.19
CA LYS A 46 7.76 9.24 -0.37
C LYS A 46 7.36 7.93 0.34
N ASN A 47 6.13 7.79 0.75
CA ASN A 47 5.74 6.52 1.43
C ASN A 47 4.28 6.15 1.17
N ALA A 48 4.00 4.88 1.19
CA ALA A 48 2.61 4.39 0.96
C ALA A 48 2.25 3.39 2.06
N THR A 49 1.47 3.81 3.03
CA THR A 49 1.09 2.89 4.12
C THR A 49 -0.42 2.64 4.12
N ILE A 50 -0.81 1.41 4.26
CA ILE A 50 -2.27 1.09 4.24
C ILE A 50 -2.59 -0.07 5.21
N ILE A 51 -3.84 -0.46 5.25
CA ILE A 51 -4.25 -1.59 6.12
C ILE A 51 -4.87 -2.64 5.21
N TYR A 52 -4.70 -3.89 5.51
CA TYR A 52 -5.25 -4.94 4.63
C TYR A 52 -5.62 -6.20 5.43
N ASP A 53 -6.37 -7.07 4.80
CA ASP A 53 -6.80 -8.33 5.47
C ASP A 53 -5.71 -9.41 5.33
N PRO A 54 -5.05 -9.70 6.43
CA PRO A 54 -3.99 -10.75 6.42
C PRO A 54 -4.64 -12.14 6.39
N LYS A 55 -5.95 -12.18 6.57
CA LYS A 55 -6.68 -13.49 6.55
C LYS A 55 -6.78 -13.99 5.11
N LEU A 56 -6.95 -13.08 4.17
CA LEU A 56 -7.04 -13.50 2.72
C LEU A 56 -5.93 -12.82 1.88
N GLN A 57 -5.31 -11.77 2.38
CA GLN A 57 -4.23 -11.09 1.60
C GLN A 57 -2.98 -10.86 2.47
N THR A 58 -1.95 -10.26 1.94
CA THR A 58 -0.71 -10.02 2.76
C THR A 58 0.18 -8.97 2.08
N PRO A 59 1.24 -8.56 2.75
CA PRO A 59 2.17 -7.53 2.20
C PRO A 59 2.88 -7.99 0.89
N LYS A 60 2.49 -9.11 0.34
CA LYS A 60 3.10 -9.58 -0.94
C LYS A 60 2.28 -9.01 -2.11
N THR A 61 0.99 -8.77 -1.89
CA THR A 61 0.14 -8.19 -2.95
C THR A 61 0.27 -6.68 -2.88
N LEU A 62 0.57 -6.17 -1.71
CA LEU A 62 0.80 -4.70 -1.57
C LEU A 62 2.15 -4.39 -2.23
N GLN A 63 3.01 -5.37 -2.24
CA GLN A 63 4.34 -5.21 -2.89
C GLN A 63 4.19 -5.56 -4.37
N GLU A 64 3.14 -6.28 -4.70
CA GLU A 64 2.88 -6.65 -6.12
C GLU A 64 1.98 -5.57 -6.74
N ALA A 65 1.27 -4.86 -5.92
CA ALA A 65 0.38 -3.77 -6.41
C ALA A 65 1.22 -2.50 -6.56
N ILE A 66 2.26 -2.39 -5.77
CA ILE A 66 3.17 -1.22 -5.90
C ILE A 66 4.18 -1.54 -7.00
N ASP A 67 4.54 -2.81 -7.12
CA ASP A 67 5.47 -3.23 -8.20
C ASP A 67 4.70 -3.21 -9.53
N ASP A 68 3.42 -3.51 -9.47
CA ASP A 68 2.58 -3.49 -10.70
C ASP A 68 2.39 -2.04 -11.19
N MET A 69 2.11 -1.12 -10.29
CA MET A 69 1.92 0.29 -10.72
C MET A 69 3.20 0.81 -11.40
N GLY A 70 4.35 0.58 -10.82
CA GLY A 70 5.63 1.05 -11.44
C GLY A 70 6.29 2.11 -10.57
N PHE A 71 6.46 1.83 -9.31
CA PHE A 71 7.12 2.81 -8.39
C PHE A 71 8.07 2.08 -7.44
N ASP A 72 9.29 2.53 -7.31
CA ASP A 72 10.27 1.85 -6.40
C ASP A 72 9.63 1.64 -5.01
N ALA A 73 9.37 0.41 -4.65
CA ALA A 73 8.72 0.15 -3.32
C ALA A 73 9.69 -0.52 -2.34
N VAL A 74 9.85 0.04 -1.17
CA VAL A 74 10.76 -0.57 -0.14
C VAL A 74 10.02 -0.65 1.20
N ILE A 75 9.13 -1.60 1.34
CA ILE A 75 8.34 -1.76 2.58
C ILE A 75 9.26 -1.97 3.79
N HIS A 76 8.94 -1.35 4.87
CA HIS A 76 9.77 -1.50 6.12
C HIS A 76 8.89 -1.83 7.33
N ASN A 77 7.97 -2.75 7.17
CA ASN A 77 7.09 -3.14 8.32
C ASN A 77 7.41 -4.54 8.84
N PRO A 78 7.17 -5.55 8.02
CA PRO A 78 7.46 -6.95 8.45
C PRO A 78 8.97 -7.22 8.41
N ASP A 79 9.68 -6.55 7.54
CA ASP A 79 11.15 -6.76 7.43
C ASP A 79 11.90 -5.47 7.79
CU CU1 B . 2.84 10.58 -10.98
N MET A 1 -8.88 -19.68 16.25
CA MET A 1 -9.30 -18.29 16.61
C MET A 1 -8.57 -17.28 15.73
N ASP A 2 -8.94 -16.02 15.80
CA ASP A 2 -8.27 -14.95 14.99
C ASP A 2 -8.10 -15.36 13.52
N PRO A 3 -9.21 -15.49 12.84
CA PRO A 3 -9.16 -15.83 11.39
C PRO A 3 -8.63 -14.62 10.61
N SER A 4 -8.67 -13.45 11.21
CA SER A 4 -8.16 -12.21 10.52
C SER A 4 -7.29 -11.35 11.46
N MET A 5 -7.13 -11.74 12.71
CA MET A 5 -6.32 -10.94 13.68
C MET A 5 -6.72 -9.45 13.65
N GLY A 6 -7.98 -9.17 13.42
CA GLY A 6 -8.44 -7.75 13.38
C GLY A 6 -7.78 -7.01 12.20
N VAL A 7 -7.44 -7.71 11.14
CA VAL A 7 -6.80 -7.07 9.94
C VAL A 7 -5.37 -6.60 10.29
N ASN A 8 -4.53 -6.42 9.29
CA ASN A 8 -3.11 -5.99 9.58
C ASN A 8 -2.76 -4.70 8.80
N SER A 9 -1.67 -4.05 9.16
CA SER A 9 -1.27 -2.79 8.45
C SER A 9 0.10 -2.90 7.80
N VAL A 10 0.29 -2.26 6.67
CA VAL A 10 1.60 -2.34 5.95
C VAL A 10 2.05 -0.94 5.48
N THR A 11 3.32 -0.64 5.57
CA THR A 11 3.83 0.68 5.12
C THR A 11 4.84 0.50 3.97
N ILE A 12 4.67 1.23 2.89
CA ILE A 12 5.59 1.09 1.73
C ILE A 12 6.25 2.42 1.36
N SER A 13 7.55 2.42 1.16
CA SER A 13 8.23 3.70 0.76
C SER A 13 8.18 3.83 -0.77
N VAL A 14 7.52 4.84 -1.28
CA VAL A 14 7.41 5.02 -2.75
C VAL A 14 8.20 6.26 -3.20
N GLU A 15 9.30 6.06 -3.87
CA GLU A 15 10.13 7.21 -4.31
C GLU A 15 10.05 7.43 -5.82
N GLY A 16 9.89 6.39 -6.59
CA GLY A 16 9.81 6.55 -8.09
C GLY A 16 8.51 7.25 -8.54
N MET A 17 7.94 8.12 -7.74
CA MET A 17 6.70 8.81 -8.17
C MET A 17 7.06 10.11 -8.90
N THR A 18 6.08 10.91 -9.24
CA THR A 18 6.35 12.20 -9.96
C THR A 18 5.35 13.31 -9.58
N CYS A 19 4.15 12.95 -9.19
CA CYS A 19 3.12 13.97 -8.82
C CYS A 19 1.85 13.23 -8.40
N ASN A 20 0.84 13.95 -7.96
CA ASN A 20 -0.44 13.27 -7.53
C ASN A 20 -0.83 12.18 -8.53
N SER A 21 -0.50 12.34 -9.79
CA SER A 21 -0.83 11.27 -10.82
C SER A 21 -0.25 9.92 -10.36
N CYS A 22 0.79 9.95 -9.58
CA CYS A 22 1.44 8.70 -9.06
C CYS A 22 0.80 8.34 -7.72
N VAL A 23 0.28 9.32 -7.03
CA VAL A 23 -0.42 9.05 -5.76
C VAL A 23 -1.80 8.55 -6.14
N TRP A 24 -2.41 9.18 -7.12
CA TRP A 24 -3.73 8.70 -7.59
C TRP A 24 -3.57 7.27 -8.08
N THR A 25 -2.48 7.03 -8.76
CA THR A 25 -2.21 5.65 -9.30
C THR A 25 -1.97 4.63 -8.16
N ILE A 26 -1.42 5.07 -7.05
CA ILE A 26 -1.13 4.12 -5.92
C ILE A 26 -2.24 4.21 -4.85
N GLU A 27 -3.00 5.27 -4.87
CA GLU A 27 -4.14 5.40 -3.91
C GLU A 27 -5.33 4.71 -4.54
N GLN A 28 -5.40 4.75 -5.85
CA GLN A 28 -6.52 4.08 -6.57
C GLN A 28 -6.21 2.57 -6.67
N GLN A 29 -4.97 2.22 -6.92
CA GLN A 29 -4.63 0.76 -7.03
C GLN A 29 -4.70 0.10 -5.65
N ILE A 30 -3.92 0.55 -4.71
CA ILE A 30 -3.96 -0.06 -3.34
C ILE A 30 -5.36 0.09 -2.71
N GLY A 31 -5.97 1.25 -2.87
CA GLY A 31 -7.34 1.47 -2.29
C GLY A 31 -8.30 0.35 -2.72
N LYS A 32 -8.30 -0.01 -3.99
CA LYS A 32 -9.21 -1.09 -4.46
C LYS A 32 -8.43 -2.32 -4.95
N VAL A 33 -7.24 -2.56 -4.44
CA VAL A 33 -6.45 -3.75 -4.90
C VAL A 33 -7.12 -5.07 -4.50
N ASN A 34 -7.61 -5.17 -3.28
CA ASN A 34 -8.28 -6.43 -2.83
C ASN A 34 -8.79 -6.29 -1.39
N GLY A 35 -7.93 -5.89 -0.49
CA GLY A 35 -8.35 -5.74 0.94
C GLY A 35 -7.56 -4.60 1.59
N VAL A 36 -8.00 -3.39 1.38
CA VAL A 36 -7.33 -2.22 1.98
C VAL A 36 -8.39 -1.32 2.61
N HIS A 37 -8.57 -1.47 3.87
CA HIS A 37 -9.61 -0.64 4.57
C HIS A 37 -9.12 0.82 4.68
N HIS A 38 -7.83 1.02 4.75
CA HIS A 38 -7.27 2.40 4.81
C HIS A 38 -5.96 2.45 4.04
N ILE A 39 -5.90 3.22 2.98
CA ILE A 39 -4.64 3.31 2.20
C ILE A 39 -4.13 4.76 2.27
N LYS A 40 -2.91 4.97 2.67
CA LYS A 40 -2.39 6.38 2.75
C LYS A 40 -1.08 6.52 1.97
N VAL A 41 -1.07 7.37 0.99
CA VAL A 41 0.17 7.61 0.18
C VAL A 41 0.72 9.00 0.56
N SER A 42 1.90 9.35 0.13
CA SER A 42 2.46 10.67 0.48
C SER A 42 3.38 11.19 -0.61
N LEU A 43 2.81 11.84 -1.60
CA LEU A 43 3.59 12.39 -2.74
C LEU A 43 4.89 13.08 -2.27
N GLU A 44 4.82 13.85 -1.22
CA GLU A 44 6.05 14.57 -0.74
C GLU A 44 6.93 13.67 0.14
N GLU A 45 6.34 12.94 1.03
CA GLU A 45 7.16 12.03 1.90
C GLU A 45 7.51 10.74 1.14
N LYS A 46 7.22 10.68 -0.15
CA LYS A 46 7.52 9.45 -0.96
C LYS A 46 7.27 8.17 -0.12
N ASN A 47 6.06 7.97 0.34
CA ASN A 47 5.75 6.77 1.16
C ASN A 47 4.24 6.47 1.17
N ALA A 48 3.89 5.22 1.27
CA ALA A 48 2.45 4.85 1.29
C ALA A 48 2.18 3.74 2.32
N THR A 49 1.31 4.00 3.26
CA THR A 49 0.98 2.96 4.28
C THR A 49 -0.48 2.52 4.10
N ILE A 50 -0.80 1.30 4.48
CA ILE A 50 -2.20 0.81 4.27
C ILE A 50 -2.53 -0.39 5.17
N ILE A 51 -3.80 -0.61 5.43
CA ILE A 51 -4.22 -1.78 6.26
C ILE A 51 -4.93 -2.80 5.38
N TYR A 52 -4.87 -4.05 5.76
CA TYR A 52 -5.48 -5.11 4.90
C TYR A 52 -5.80 -6.38 5.71
N ASP A 53 -6.68 -7.19 5.19
CA ASP A 53 -7.03 -8.48 5.87
C ASP A 53 -6.03 -9.56 5.45
N PRO A 54 -5.32 -10.11 6.40
CA PRO A 54 -4.31 -11.18 6.08
C PRO A 54 -5.01 -12.35 5.41
N LYS A 55 -6.26 -12.57 5.72
CA LYS A 55 -7.03 -13.68 5.08
C LYS A 55 -7.26 -13.38 3.58
N LEU A 56 -7.13 -12.15 3.17
CA LEU A 56 -7.35 -11.80 1.73
C LEU A 56 -6.13 -11.08 1.12
N GLN A 57 -5.47 -10.24 1.88
CA GLN A 57 -4.27 -9.52 1.35
C GLN A 57 -3.09 -9.65 2.31
N THR A 58 -1.88 -9.54 1.82
CA THR A 58 -0.69 -9.67 2.73
C THR A 58 0.33 -8.58 2.39
N PRO A 59 1.37 -8.49 3.20
CA PRO A 59 2.42 -7.46 2.95
C PRO A 59 3.23 -7.79 1.69
N LYS A 60 3.10 -8.99 1.18
CA LYS A 60 3.84 -9.38 -0.05
C LYS A 60 2.96 -9.07 -1.28
N THR A 61 1.68 -9.31 -1.16
CA THR A 61 0.73 -9.01 -2.26
C THR A 61 0.55 -7.50 -2.35
N LEU A 62 0.74 -6.83 -1.25
CA LEU A 62 0.67 -5.34 -1.24
C LEU A 62 1.91 -4.83 -1.97
N GLN A 63 2.96 -5.61 -1.89
CA GLN A 63 4.21 -5.25 -2.61
C GLN A 63 4.07 -5.72 -4.06
N GLU A 64 3.36 -6.79 -4.25
CA GLU A 64 3.11 -7.31 -5.62
C GLU A 64 2.13 -6.37 -6.31
N ALA A 65 1.42 -5.60 -5.54
CA ALA A 65 0.48 -4.61 -6.12
C ALA A 65 1.22 -3.30 -6.30
N ILE A 66 2.27 -3.10 -5.52
CA ILE A 66 3.08 -1.87 -5.66
C ILE A 66 4.18 -2.15 -6.69
N ASP A 67 4.73 -3.34 -6.65
CA ASP A 67 5.77 -3.71 -7.66
C ASP A 67 5.09 -3.84 -9.03
N ASP A 68 3.82 -4.20 -9.03
CA ASP A 68 3.07 -4.33 -10.32
C ASP A 68 2.75 -2.94 -10.88
N MET A 69 2.31 -2.02 -10.04
CA MET A 69 2.00 -0.65 -10.52
C MET A 69 3.17 -0.06 -11.31
N GLY A 70 4.36 -0.13 -10.77
CA GLY A 70 5.55 0.41 -11.52
C GLY A 70 6.09 1.66 -10.82
N PHE A 71 6.40 1.55 -9.57
CA PHE A 71 6.93 2.71 -8.82
C PHE A 71 8.13 2.27 -7.96
N ASP A 72 9.27 2.89 -8.13
CA ASP A 72 10.46 2.50 -7.31
C ASP A 72 10.13 2.60 -5.82
N ALA A 73 9.68 1.51 -5.23
CA ALA A 73 9.31 1.55 -3.79
C ALA A 73 10.14 0.56 -2.96
N VAL A 74 9.88 0.56 -1.67
CA VAL A 74 10.61 -0.35 -0.73
C VAL A 74 9.76 -0.51 0.54
N ILE A 75 8.92 -1.50 0.56
CA ILE A 75 8.02 -1.72 1.71
C ILE A 75 8.81 -1.89 3.02
N HIS A 76 8.17 -1.56 4.09
CA HIS A 76 8.82 -1.67 5.43
C HIS A 76 8.17 -2.82 6.24
N ASN A 77 7.72 -3.85 5.57
CA ASN A 77 7.08 -5.00 6.28
C ASN A 77 7.68 -6.33 5.80
N PRO A 78 8.73 -6.75 6.46
CA PRO A 78 9.40 -8.02 6.09
C PRO A 78 8.59 -9.22 6.62
N ASP A 79 7.36 -9.37 6.19
CA ASP A 79 6.53 -10.51 6.65
C ASP A 79 6.04 -11.33 5.45
CU CU1 B . 2.89 11.59 -11.12
N MET A 1 -9.83 -6.40 23.39
CA MET A 1 -8.64 -5.56 23.03
C MET A 1 -8.62 -5.30 21.52
N ASP A 2 -8.53 -6.35 20.73
CA ASP A 2 -8.56 -6.19 19.24
C ASP A 2 -7.56 -5.12 18.77
N PRO A 3 -6.29 -5.44 18.94
CA PRO A 3 -5.22 -4.51 18.49
C PRO A 3 -5.19 -4.50 16.95
N SER A 4 -5.80 -5.49 16.33
CA SER A 4 -5.83 -5.55 14.83
C SER A 4 -7.28 -5.68 14.31
N MET A 5 -8.23 -5.97 15.17
CA MET A 5 -9.65 -6.13 14.72
C MET A 5 -9.76 -7.19 13.59
N GLY A 6 -8.80 -8.09 13.48
CA GLY A 6 -8.85 -9.14 12.42
C GLY A 6 -8.23 -8.62 11.11
N VAL A 7 -7.64 -7.45 11.11
CA VAL A 7 -7.02 -6.90 9.86
C VAL A 7 -5.52 -6.62 10.09
N ASN A 8 -4.74 -6.52 9.04
CA ASN A 8 -3.29 -6.24 9.23
C ASN A 8 -2.92 -4.88 8.62
N SER A 9 -1.77 -4.36 8.97
CA SER A 9 -1.36 -3.03 8.42
C SER A 9 0.05 -3.09 7.84
N VAL A 10 0.28 -2.38 6.77
CA VAL A 10 1.64 -2.39 6.14
C VAL A 10 2.01 -0.99 5.61
N THR A 11 3.26 -0.61 5.74
CA THR A 11 3.68 0.71 5.21
C THR A 11 4.51 0.49 3.96
N ILE A 12 4.41 1.38 2.99
CA ILE A 12 5.15 1.20 1.72
C ILE A 12 6.04 2.41 1.33
N SER A 13 7.36 2.25 1.27
CA SER A 13 8.21 3.39 0.83
C SER A 13 8.18 3.36 -0.69
N VAL A 14 7.56 4.32 -1.31
CA VAL A 14 7.42 4.30 -2.78
C VAL A 14 8.28 5.37 -3.46
N GLU A 15 8.97 5.00 -4.51
CA GLU A 15 9.82 5.98 -5.24
C GLU A 15 9.30 6.18 -6.68
N GLY A 16 9.87 7.10 -7.40
CA GLY A 16 9.43 7.36 -8.81
C GLY A 16 8.18 8.27 -8.85
N MET A 17 7.59 8.57 -7.70
CA MET A 17 6.39 9.45 -7.70
C MET A 17 6.77 10.93 -7.76
N THR A 18 6.46 11.60 -8.84
CA THR A 18 6.82 13.05 -8.94
C THR A 18 5.70 13.88 -9.60
N CYS A 19 4.47 13.43 -9.54
CA CYS A 19 3.35 14.20 -10.16
C CYS A 19 2.01 13.58 -9.73
N ASN A 20 1.02 14.40 -9.42
CA ASN A 20 -0.34 13.92 -8.95
C ASN A 20 -0.64 12.49 -9.40
N SER A 21 -0.38 12.18 -10.64
CA SER A 21 -0.64 10.81 -11.17
C SER A 21 0.07 9.70 -10.36
N CYS A 22 1.02 10.03 -9.52
CA CYS A 22 1.73 8.95 -8.77
C CYS A 22 1.09 8.69 -7.41
N VAL A 23 0.45 9.67 -6.84
CA VAL A 23 -0.22 9.45 -5.52
C VAL A 23 -1.62 8.96 -5.77
N TRP A 24 -2.27 9.41 -6.81
CA TRP A 24 -3.63 8.89 -7.06
C TRP A 24 -3.53 7.52 -7.73
N THR A 25 -2.43 7.23 -8.39
CA THR A 25 -2.31 5.85 -9.02
C THR A 25 -1.80 4.83 -7.98
N ILE A 26 -1.06 5.28 -6.99
CA ILE A 26 -0.53 4.36 -5.93
C ILE A 26 -1.55 4.26 -4.79
N GLU A 27 -2.29 5.31 -4.57
CA GLU A 27 -3.32 5.31 -3.51
C GLU A 27 -4.56 4.62 -4.07
N GLN A 28 -4.80 4.76 -5.35
CA GLN A 28 -5.96 4.07 -5.98
C GLN A 28 -5.61 2.61 -6.25
N GLN A 29 -4.34 2.32 -6.45
CA GLN A 29 -3.95 0.90 -6.70
C GLN A 29 -4.10 0.10 -5.40
N ILE A 30 -3.31 0.41 -4.40
CA ILE A 30 -3.43 -0.33 -3.10
C ILE A 30 -4.85 -0.17 -2.52
N GLY A 31 -5.33 1.05 -2.40
CA GLY A 31 -6.70 1.28 -1.84
C GLY A 31 -7.72 0.37 -2.55
N LYS A 32 -7.58 0.19 -3.83
CA LYS A 32 -8.56 -0.68 -4.57
C LYS A 32 -7.86 -1.95 -5.10
N VAL A 33 -6.79 -2.39 -4.49
CA VAL A 33 -6.10 -3.62 -5.00
C VAL A 33 -6.89 -4.90 -4.68
N ASN A 34 -7.36 -5.05 -3.46
CA ASN A 34 -8.15 -6.27 -3.10
C ASN A 34 -8.73 -6.19 -1.68
N GLY A 35 -8.04 -5.53 -0.77
CA GLY A 35 -8.59 -5.43 0.63
C GLY A 35 -7.78 -4.41 1.44
N VAL A 36 -8.12 -3.14 1.33
CA VAL A 36 -7.40 -2.10 2.11
C VAL A 36 -8.41 -1.21 2.83
N HIS A 37 -8.73 -1.60 4.02
CA HIS A 37 -9.72 -0.82 4.84
C HIS A 37 -9.16 0.58 5.21
N HIS A 38 -7.88 0.81 5.01
CA HIS A 38 -7.29 2.15 5.34
C HIS A 38 -6.05 2.41 4.45
N ILE A 39 -6.05 3.57 3.81
CA ILE A 39 -4.95 3.97 2.88
C ILE A 39 -4.27 5.29 3.31
N LYS A 40 -2.96 5.39 3.22
CA LYS A 40 -2.28 6.68 3.57
C LYS A 40 -1.11 6.93 2.60
N VAL A 41 -1.39 7.48 1.44
CA VAL A 41 -0.30 7.75 0.46
C VAL A 41 -0.04 9.26 0.41
N SER A 42 1.14 9.66 0.01
CA SER A 42 1.46 11.11 -0.04
C SER A 42 2.52 11.37 -1.10
N LEU A 43 2.08 11.66 -2.30
CA LEU A 43 2.99 11.94 -3.46
C LEU A 43 4.32 12.58 -3.02
N GLU A 44 4.28 13.66 -2.29
CA GLU A 44 5.57 14.31 -1.88
C GLU A 44 6.24 13.58 -0.72
N GLU A 45 5.49 13.09 0.21
CA GLU A 45 6.10 12.31 1.33
C GLU A 45 6.86 11.10 0.76
N LYS A 46 6.60 10.75 -0.49
CA LYS A 46 7.28 9.57 -1.13
C LYS A 46 7.11 8.33 -0.26
N ASN A 47 5.88 8.02 0.08
CA ASN A 47 5.59 6.83 0.94
C ASN A 47 4.08 6.58 0.98
N ALA A 48 3.69 5.39 1.31
CA ALA A 48 2.24 5.07 1.38
C ALA A 48 2.00 3.99 2.42
N THR A 49 1.27 4.27 3.47
CA THR A 49 1.00 3.21 4.48
C THR A 49 -0.45 2.81 4.41
N ILE A 50 -0.71 1.54 4.29
CA ILE A 50 -2.12 1.07 4.15
C ILE A 50 -2.34 -0.21 4.95
N ILE A 51 -3.56 -0.58 5.20
CA ILE A 51 -3.80 -1.83 5.93
C ILE A 51 -4.50 -2.84 5.01
N TYR A 52 -4.64 -4.04 5.47
CA TYR A 52 -5.27 -5.09 4.61
C TYR A 52 -5.73 -6.29 5.44
N ASP A 53 -6.51 -7.15 4.87
CA ASP A 53 -6.99 -8.35 5.62
C ASP A 53 -6.00 -9.51 5.47
N PRO A 54 -5.51 -9.98 6.59
CA PRO A 54 -4.55 -11.12 6.59
C PRO A 54 -5.27 -12.37 6.06
N LYS A 55 -6.56 -12.42 6.28
CA LYS A 55 -7.37 -13.57 5.79
C LYS A 55 -7.67 -13.41 4.28
N LEU A 56 -7.30 -12.29 3.69
CA LEU A 56 -7.56 -12.08 2.23
C LEU A 56 -6.25 -11.93 1.44
N GLN A 57 -5.33 -11.13 1.92
CA GLN A 57 -4.03 -10.95 1.18
C GLN A 57 -2.87 -10.66 2.15
N THR A 58 -1.70 -10.37 1.64
CA THR A 58 -0.54 -10.09 2.54
C THR A 58 0.34 -9.00 1.92
N PRO A 59 1.37 -8.60 2.63
CA PRO A 59 2.29 -7.58 2.09
C PRO A 59 3.10 -8.13 0.91
N LYS A 60 2.98 -9.41 0.61
CA LYS A 60 3.72 -10.01 -0.55
C LYS A 60 3.02 -9.60 -1.86
N THR A 61 1.71 -9.57 -1.83
CA THR A 61 0.93 -9.15 -3.01
C THR A 61 0.70 -7.64 -2.93
N LEU A 62 0.85 -7.10 -1.73
CA LEU A 62 0.73 -5.64 -1.54
C LEU A 62 1.97 -5.01 -2.17
N GLN A 63 3.08 -5.69 -2.09
CA GLN A 63 4.32 -5.18 -2.75
C GLN A 63 4.23 -5.56 -4.23
N GLU A 64 3.58 -6.67 -4.51
CA GLU A 64 3.37 -7.09 -5.93
C GLU A 64 2.31 -6.19 -6.55
N ALA A 65 1.55 -5.52 -5.71
CA ALA A 65 0.53 -4.56 -6.20
C ALA A 65 1.23 -3.22 -6.38
N ILE A 66 2.30 -3.04 -5.65
CA ILE A 66 3.10 -1.79 -5.78
C ILE A 66 4.10 -2.00 -6.91
N ASP A 67 4.70 -3.17 -6.96
CA ASP A 67 5.66 -3.49 -8.06
C ASP A 67 4.88 -3.46 -9.38
N ASP A 68 3.61 -3.82 -9.34
CA ASP A 68 2.77 -3.79 -10.58
C ASP A 68 2.40 -2.34 -10.92
N MET A 69 2.11 -1.54 -9.91
CA MET A 69 1.74 -0.10 -10.14
C MET A 69 2.79 0.63 -10.98
N GLY A 70 4.05 0.46 -10.66
CA GLY A 70 5.13 1.14 -11.46
C GLY A 70 5.93 2.10 -10.57
N PHE A 71 6.14 1.76 -9.32
CA PHE A 71 6.93 2.64 -8.41
C PHE A 71 7.83 1.78 -7.51
N ASP A 72 9.06 2.18 -7.33
CA ASP A 72 10.01 1.38 -6.47
C ASP A 72 9.45 1.20 -5.05
N ALA A 73 9.53 0.00 -4.53
CA ALA A 73 8.99 -0.26 -3.15
C ALA A 73 10.08 -0.82 -2.22
N VAL A 74 10.07 -0.37 -0.99
CA VAL A 74 11.04 -0.84 0.04
C VAL A 74 10.37 -0.60 1.39
N ILE A 75 9.78 -1.62 1.97
CA ILE A 75 9.02 -1.37 3.22
C ILE A 75 8.86 -2.63 4.10
N HIS A 76 7.67 -2.89 4.64
CA HIS A 76 7.49 -4.08 5.53
C HIS A 76 6.77 -5.19 4.74
N ASN A 77 7.31 -5.53 3.60
CA ASN A 77 6.71 -6.61 2.75
C ASN A 77 7.77 -7.69 2.50
N PRO A 78 7.35 -8.93 2.41
CA PRO A 78 8.31 -10.04 2.18
C PRO A 78 8.89 -10.01 0.76
N ASP A 79 8.07 -10.13 -0.25
CA ASP A 79 8.58 -10.11 -1.64
C ASP A 79 7.46 -9.75 -2.63
CU CU1 B . 2.70 11.05 -11.44
N MET A 1 1.33 -9.57 12.86
CA MET A 1 0.11 -9.49 12.00
C MET A 1 -1.13 -9.12 12.84
N ASP A 2 -0.95 -8.31 13.86
CA ASP A 2 -2.10 -7.93 14.74
C ASP A 2 -2.11 -6.42 15.08
N PRO A 3 -1.75 -5.59 14.12
CA PRO A 3 -1.79 -4.13 14.36
C PRO A 3 -3.24 -3.63 14.28
N SER A 4 -4.16 -4.50 13.92
CA SER A 4 -5.60 -4.07 13.81
C SER A 4 -6.55 -5.18 14.30
N MET A 5 -6.03 -6.24 14.89
CA MET A 5 -6.90 -7.36 15.41
C MET A 5 -7.68 -8.06 14.28
N GLY A 6 -8.53 -7.35 13.57
CA GLY A 6 -9.31 -8.00 12.47
C GLY A 6 -8.53 -7.92 11.14
N VAL A 7 -7.82 -6.84 10.93
CA VAL A 7 -7.02 -6.70 9.66
C VAL A 7 -5.56 -6.31 10.00
N ASN A 8 -4.80 -5.95 9.01
CA ASN A 8 -3.37 -5.57 9.26
C ASN A 8 -3.06 -4.22 8.57
N SER A 9 -2.00 -3.57 8.97
CA SER A 9 -1.61 -2.27 8.34
C SER A 9 -0.23 -2.39 7.74
N VAL A 10 -0.08 -2.02 6.49
CA VAL A 10 1.26 -2.16 5.83
C VAL A 10 1.79 -0.82 5.33
N THR A 11 3.04 -0.56 5.61
CA THR A 11 3.68 0.71 5.14
C THR A 11 4.78 0.37 4.14
N ILE A 12 4.68 0.89 2.95
CA ILE A 12 5.71 0.59 1.92
C ILE A 12 6.42 1.86 1.45
N SER A 13 7.73 1.81 1.41
CA SER A 13 8.52 3.00 0.95
C SER A 13 8.44 3.07 -0.59
N VAL A 14 7.94 4.16 -1.12
CA VAL A 14 7.80 4.25 -2.60
C VAL A 14 8.48 5.51 -3.16
N GLU A 15 9.43 5.34 -4.05
CA GLU A 15 10.12 6.52 -4.64
C GLU A 15 9.72 6.71 -6.11
N GLY A 16 9.88 7.90 -6.62
CA GLY A 16 9.53 8.17 -8.06
C GLY A 16 8.09 8.71 -8.18
N MET A 17 7.45 9.04 -7.08
CA MET A 17 6.05 9.59 -7.16
C MET A 17 5.93 10.63 -8.27
N THR A 18 6.92 11.48 -8.39
CA THR A 18 6.96 12.54 -9.45
C THR A 18 5.78 13.52 -9.34
N CYS A 19 4.57 13.03 -9.20
CA CYS A 19 3.41 13.96 -9.09
C CYS A 19 2.13 13.20 -8.70
N ASN A 20 1.22 13.88 -8.04
CA ASN A 20 -0.10 13.30 -7.58
C ASN A 20 -0.58 12.17 -8.50
N SER A 21 -0.44 12.33 -9.79
CA SER A 21 -0.89 11.24 -10.74
C SER A 21 -0.36 9.85 -10.30
N CYS A 22 0.71 9.82 -9.55
CA CYS A 22 1.29 8.51 -9.08
C CYS A 22 0.65 8.12 -7.74
N VAL A 23 0.12 9.08 -7.06
CA VAL A 23 -0.60 8.79 -5.79
C VAL A 23 -2.03 8.45 -6.19
N TRP A 24 -2.55 9.13 -7.17
CA TRP A 24 -3.93 8.79 -7.64
C TRP A 24 -3.92 7.38 -8.22
N THR A 25 -2.82 6.98 -8.80
CA THR A 25 -2.75 5.60 -9.39
C THR A 25 -2.37 4.56 -8.32
N ILE A 26 -1.70 4.97 -7.27
CA ILE A 26 -1.32 4.01 -6.18
C ILE A 26 -2.39 3.96 -5.10
N GLU A 27 -3.05 5.06 -4.86
CA GLU A 27 -4.14 5.08 -3.85
C GLU A 27 -5.37 4.46 -4.51
N GLN A 28 -5.53 4.69 -5.79
CA GLN A 28 -6.66 4.07 -6.53
C GLN A 28 -6.36 2.58 -6.70
N GLN A 29 -5.10 2.21 -6.81
CA GLN A 29 -4.77 0.77 -6.96
C GLN A 29 -4.88 0.06 -5.61
N ILE A 30 -4.10 0.44 -4.64
CA ILE A 30 -4.20 -0.22 -3.30
C ILE A 30 -5.62 -0.07 -2.74
N GLY A 31 -6.21 1.10 -2.86
CA GLY A 31 -7.61 1.30 -2.33
C GLY A 31 -8.53 0.19 -2.84
N LYS A 32 -8.56 -0.04 -4.14
CA LYS A 32 -9.43 -1.14 -4.68
C LYS A 32 -8.59 -2.37 -5.07
N VAL A 33 -7.43 -2.55 -4.47
CA VAL A 33 -6.56 -3.72 -4.85
C VAL A 33 -7.23 -5.06 -4.51
N ASN A 34 -7.79 -5.18 -3.34
CA ASN A 34 -8.45 -6.49 -2.95
C ASN A 34 -9.05 -6.38 -1.56
N GLY A 35 -8.27 -5.97 -0.59
CA GLY A 35 -8.79 -5.85 0.80
C GLY A 35 -8.03 -4.73 1.52
N VAL A 36 -8.42 -3.51 1.30
CA VAL A 36 -7.76 -2.36 1.96
C VAL A 36 -8.83 -1.44 2.54
N HIS A 37 -9.09 -1.62 3.80
CA HIS A 37 -10.12 -0.77 4.48
C HIS A 37 -9.67 0.70 4.55
N HIS A 38 -8.43 0.96 4.27
CA HIS A 38 -7.89 2.35 4.31
C HIS A 38 -6.48 2.38 3.69
N ILE A 39 -6.29 3.18 2.68
CA ILE A 39 -4.95 3.26 2.02
C ILE A 39 -4.41 4.70 2.15
N LYS A 40 -3.14 4.88 2.41
CA LYS A 40 -2.59 6.26 2.56
C LYS A 40 -1.19 6.36 1.91
N VAL A 41 -1.07 7.16 0.89
CA VAL A 41 0.25 7.33 0.20
C VAL A 41 0.87 8.69 0.51
N SER A 42 2.16 8.83 0.31
CA SER A 42 2.84 10.11 0.60
C SER A 42 3.70 10.54 -0.60
N LEU A 43 3.06 11.05 -1.62
CA LEU A 43 3.75 11.52 -2.87
C LEU A 43 5.15 12.12 -2.58
N GLU A 44 5.25 13.12 -1.75
CA GLU A 44 6.58 13.75 -1.48
C GLU A 44 7.36 13.01 -0.41
N GLU A 45 6.69 12.42 0.53
CA GLU A 45 7.40 11.65 1.59
C GLU A 45 7.88 10.29 1.02
N LYS A 46 7.54 9.99 -0.22
CA LYS A 46 7.98 8.70 -0.84
C LYS A 46 7.60 7.49 0.03
N ASN A 47 6.36 7.38 0.42
CA ASN A 47 5.95 6.22 1.27
C ASN A 47 4.44 5.98 1.19
N ALA A 48 4.03 4.74 1.31
CA ALA A 48 2.58 4.42 1.25
C ALA A 48 2.21 3.51 2.43
N THR A 49 1.21 3.86 3.19
CA THR A 49 0.79 3.02 4.34
C THR A 49 -0.70 2.72 4.24
N ILE A 50 -1.06 1.47 4.18
CA ILE A 50 -2.51 1.10 4.04
C ILE A 50 -2.88 -0.07 4.97
N ILE A 51 -4.15 -0.32 5.14
CA ILE A 51 -4.58 -1.46 5.99
C ILE A 51 -5.16 -2.54 5.09
N TYR A 52 -5.11 -3.76 5.52
CA TYR A 52 -5.62 -4.86 4.66
C TYR A 52 -5.84 -6.12 5.49
N ASP A 53 -6.47 -7.09 4.91
CA ASP A 53 -6.67 -8.37 5.64
C ASP A 53 -5.39 -9.20 5.51
N PRO A 54 -4.75 -9.50 6.62
CA PRO A 54 -3.50 -10.30 6.59
C PRO A 54 -3.81 -11.71 6.06
N LYS A 55 -5.04 -12.11 6.17
CA LYS A 55 -5.46 -13.45 5.66
C LYS A 55 -5.78 -13.35 4.16
N LEU A 56 -6.09 -12.17 3.65
CA LEU A 56 -6.39 -12.01 2.19
C LEU A 56 -5.24 -11.29 1.48
N GLN A 57 -4.66 -10.30 2.11
CA GLN A 57 -3.53 -9.55 1.48
C GLN A 57 -2.33 -9.47 2.43
N THR A 58 -1.18 -9.19 1.90
CA THR A 58 0.06 -9.10 2.76
C THR A 58 1.00 -8.03 2.23
N PRO A 59 2.03 -7.70 3.00
CA PRO A 59 3.03 -6.69 2.54
C PRO A 59 3.77 -7.20 1.29
N LYS A 60 3.62 -8.46 0.97
CA LYS A 60 4.27 -9.02 -0.25
C LYS A 60 3.33 -8.83 -1.45
N THR A 61 2.04 -8.83 -1.22
CA THR A 61 1.06 -8.61 -2.31
C THR A 61 0.78 -7.10 -2.40
N LEU A 62 0.98 -6.40 -1.31
CA LEU A 62 0.79 -4.93 -1.32
C LEU A 62 2.02 -4.32 -1.99
N GLN A 63 3.14 -5.00 -1.87
CA GLN A 63 4.39 -4.54 -2.54
C GLN A 63 4.31 -4.94 -4.00
N GLU A 64 3.63 -6.04 -4.26
CA GLU A 64 3.46 -6.50 -5.66
C GLU A 64 2.37 -5.66 -6.33
N ALA A 65 1.53 -5.08 -5.53
CA ALA A 65 0.46 -4.19 -6.08
C ALA A 65 1.13 -2.83 -6.35
N ILE A 66 2.15 -2.55 -5.60
CA ILE A 66 2.92 -1.28 -5.83
C ILE A 66 3.91 -1.55 -6.95
N ASP A 67 4.44 -2.75 -6.99
CA ASP A 67 5.38 -3.11 -8.09
C ASP A 67 4.56 -3.27 -9.38
N ASP A 68 3.33 -3.72 -9.27
CA ASP A 68 2.46 -3.86 -10.48
C ASP A 68 2.14 -2.45 -11.02
N MET A 69 1.95 -1.50 -10.13
CA MET A 69 1.67 -0.10 -10.57
C MET A 69 2.89 0.47 -11.32
N GLY A 70 4.07 0.32 -10.76
CA GLY A 70 5.30 0.85 -11.45
C GLY A 70 6.03 1.90 -10.60
N PHE A 71 6.24 1.62 -9.33
CA PHE A 71 6.95 2.60 -8.45
C PHE A 71 7.96 1.85 -7.56
N ASP A 72 9.12 2.43 -7.29
CA ASP A 72 10.12 1.73 -6.42
C ASP A 72 9.46 1.36 -5.09
N ALA A 73 9.24 0.09 -4.83
CA ALA A 73 8.56 -0.30 -3.56
C ALA A 73 9.52 -1.00 -2.59
N VAL A 74 9.57 -0.51 -1.39
CA VAL A 74 10.43 -1.12 -0.33
C VAL A 74 9.62 -1.15 0.97
N ILE A 75 8.76 -2.14 1.10
CA ILE A 75 7.90 -2.24 2.29
C ILE A 75 8.72 -2.29 3.58
N HIS A 76 8.23 -1.63 4.57
CA HIS A 76 8.92 -1.62 5.90
C HIS A 76 8.03 -2.31 6.94
N ASN A 77 7.32 -3.33 6.53
CA ASN A 77 6.41 -4.06 7.46
C ASN A 77 6.94 -5.46 7.77
N PRO A 78 7.06 -5.76 9.04
CA PRO A 78 7.53 -7.12 9.47
C PRO A 78 6.36 -8.12 9.39
N ASP A 79 5.16 -7.63 9.17
CA ASP A 79 3.97 -8.52 9.09
C ASP A 79 2.93 -7.93 8.11
CU CU1 B . 2.60 11.32 -10.98
N MET A 1 -9.89 -0.82 21.42
CA MET A 1 -9.45 -2.24 21.20
C MET A 1 -9.83 -2.68 19.79
N ASP A 2 -9.05 -3.57 19.21
CA ASP A 2 -9.35 -4.05 17.82
C ASP A 2 -9.61 -2.89 16.86
N PRO A 3 -8.61 -2.06 16.68
CA PRO A 3 -8.74 -0.93 15.74
C PRO A 3 -8.77 -1.47 14.31
N SER A 4 -8.32 -2.70 14.13
CA SER A 4 -8.33 -3.33 12.77
C SER A 4 -9.44 -4.39 12.70
N MET A 5 -9.93 -4.87 13.83
CA MET A 5 -11.01 -5.91 13.82
C MET A 5 -10.57 -7.15 13.00
N GLY A 6 -9.35 -7.59 13.17
CA GLY A 6 -8.86 -8.78 12.42
C GLY A 6 -8.03 -8.36 11.18
N VAL A 7 -8.13 -7.12 10.76
CA VAL A 7 -7.35 -6.66 9.57
C VAL A 7 -5.87 -6.38 9.95
N ASN A 8 -4.99 -6.33 8.98
CA ASN A 8 -3.54 -6.07 9.27
C ASN A 8 -3.13 -4.65 8.85
N SER A 9 -1.88 -4.29 9.08
CA SER A 9 -1.41 -2.92 8.68
C SER A 9 0.01 -2.96 8.14
N VAL A 10 0.26 -2.32 7.02
CA VAL A 10 1.62 -2.33 6.41
C VAL A 10 1.96 -0.97 5.76
N THR A 11 3.22 -0.61 5.78
CA THR A 11 3.64 0.68 5.16
C THR A 11 4.46 0.40 3.90
N ILE A 12 4.47 1.34 2.98
CA ILE A 12 5.23 1.15 1.69
C ILE A 12 6.05 2.42 1.33
N SER A 13 7.37 2.39 1.38
CA SER A 13 8.13 3.61 0.96
C SER A 13 8.25 3.57 -0.56
N VAL A 14 7.75 4.57 -1.23
CA VAL A 14 7.79 4.56 -2.71
C VAL A 14 8.51 5.80 -3.23
N GLU A 15 9.50 5.61 -4.05
CA GLU A 15 10.25 6.77 -4.59
C GLU A 15 9.92 6.98 -6.08
N GLY A 16 10.40 8.04 -6.67
CA GLY A 16 10.09 8.31 -8.11
C GLY A 16 8.80 9.11 -8.25
N MET A 17 7.87 8.97 -7.32
CA MET A 17 6.55 9.70 -7.37
C MET A 17 6.69 11.05 -8.10
N THR A 18 6.33 11.08 -9.37
CA THR A 18 6.48 12.33 -10.19
C THR A 18 5.42 13.40 -9.86
N CYS A 19 4.26 13.01 -9.42
CA CYS A 19 3.19 14.01 -9.10
C CYS A 19 1.92 13.30 -8.63
N ASN A 20 0.93 14.05 -8.20
CA ASN A 20 -0.36 13.44 -7.73
C ASN A 20 -0.76 12.24 -8.60
N SER A 21 -0.50 12.31 -9.89
CA SER A 21 -0.82 11.17 -10.81
C SER A 21 -0.23 9.85 -10.28
N CYS A 22 0.80 9.95 -9.48
CA CYS A 22 1.47 8.74 -8.91
C CYS A 22 0.78 8.36 -7.60
N VAL A 23 0.19 9.33 -6.94
CA VAL A 23 -0.57 9.03 -5.70
C VAL A 23 -1.91 8.49 -6.15
N TRP A 24 -2.45 9.06 -7.21
CA TRP A 24 -3.74 8.52 -7.73
C TRP A 24 -3.50 7.08 -8.18
N THR A 25 -2.32 6.82 -8.66
CA THR A 25 -1.99 5.43 -9.14
C THR A 25 -1.65 4.47 -7.97
N ILE A 26 -1.06 4.95 -6.91
CA ILE A 26 -0.69 4.05 -5.77
C ILE A 26 -1.72 4.13 -4.64
N GLU A 27 -2.46 5.20 -4.57
CA GLU A 27 -3.50 5.31 -3.52
C GLU A 27 -4.75 4.65 -4.07
N GLN A 28 -4.94 4.73 -5.36
CA GLN A 28 -6.13 4.04 -5.97
C GLN A 28 -5.82 2.54 -6.15
N GLN A 29 -4.58 2.21 -6.45
CA GLN A 29 -4.24 0.77 -6.63
C GLN A 29 -4.34 0.04 -5.29
N ILE A 30 -3.52 0.40 -4.35
CA ILE A 30 -3.57 -0.28 -3.01
C ILE A 30 -4.97 -0.15 -2.37
N GLY A 31 -5.57 1.01 -2.48
CA GLY A 31 -6.93 1.22 -1.88
C GLY A 31 -7.93 0.19 -2.41
N LYS A 32 -7.86 -0.18 -3.66
CA LYS A 32 -8.83 -1.18 -4.21
C LYS A 32 -8.12 -2.38 -4.86
N VAL A 33 -6.91 -2.70 -4.45
CA VAL A 33 -6.20 -3.85 -5.07
C VAL A 33 -6.82 -5.20 -4.64
N ASN A 34 -7.20 -5.35 -3.39
CA ASN A 34 -7.81 -6.65 -2.96
C ASN A 34 -8.57 -6.50 -1.64
N GLY A 35 -7.86 -6.24 -0.57
CA GLY A 35 -8.52 -6.10 0.76
C GLY A 35 -7.77 -5.04 1.57
N VAL A 36 -8.01 -3.80 1.27
CA VAL A 36 -7.33 -2.70 2.01
C VAL A 36 -8.39 -1.75 2.56
N HIS A 37 -8.83 -2.03 3.73
CA HIS A 37 -9.89 -1.17 4.37
C HIS A 37 -9.38 0.28 4.53
N HIS A 38 -8.08 0.46 4.68
CA HIS A 38 -7.51 1.85 4.81
C HIS A 38 -6.16 1.94 4.06
N ILE A 39 -6.02 2.87 3.16
CA ILE A 39 -4.75 3.00 2.41
C ILE A 39 -4.32 4.49 2.37
N LYS A 40 -3.05 4.79 2.51
CA LYS A 40 -2.63 6.23 2.46
C LYS A 40 -1.23 6.37 1.81
N VAL A 41 -1.15 7.12 0.74
CA VAL A 41 0.14 7.32 0.03
C VAL A 41 0.62 8.78 0.16
N SER A 42 1.89 9.01 -0.08
CA SER A 42 2.46 10.37 -0.01
C SER A 42 3.50 10.56 -1.12
N LEU A 43 3.05 10.76 -2.33
CA LEU A 43 4.01 10.91 -3.49
C LEU A 43 5.04 12.02 -3.23
N GLU A 44 4.69 13.04 -2.48
CA GLU A 44 5.66 14.13 -2.19
C GLU A 44 6.69 13.66 -1.19
N GLU A 45 6.24 13.09 -0.12
CA GLU A 45 7.17 12.53 0.90
C GLU A 45 7.68 11.16 0.42
N LYS A 46 7.33 10.78 -0.80
CA LYS A 46 7.75 9.45 -1.36
C LYS A 46 7.52 8.34 -0.34
N ASN A 47 6.29 8.08 0.01
CA ASN A 47 6.00 7.01 1.02
C ASN A 47 4.51 6.64 1.00
N ALA A 48 4.14 5.63 1.74
CA ALA A 48 2.71 5.22 1.77
C ALA A 48 2.45 4.24 2.91
N THR A 49 1.26 4.24 3.44
CA THR A 49 0.92 3.29 4.53
C THR A 49 -0.48 2.75 4.27
N ILE A 50 -0.75 1.53 4.65
CA ILE A 50 -2.10 0.98 4.35
C ILE A 50 -2.36 -0.31 5.16
N ILE A 51 -3.60 -0.57 5.47
CA ILE A 51 -3.95 -1.79 6.22
C ILE A 51 -4.63 -2.78 5.28
N TYR A 52 -4.70 -4.03 5.66
CA TYR A 52 -5.31 -5.03 4.75
C TYR A 52 -5.72 -6.32 5.48
N ASP A 53 -6.61 -7.07 4.89
CA ASP A 53 -7.07 -8.34 5.54
C ASP A 53 -5.99 -9.43 5.38
N PRO A 54 -5.39 -9.80 6.49
CA PRO A 54 -4.32 -10.84 6.48
C PRO A 54 -4.93 -12.19 6.10
N LYS A 55 -6.12 -12.47 6.56
CA LYS A 55 -6.81 -13.75 6.20
C LYS A 55 -7.17 -13.74 4.71
N LEU A 56 -7.20 -12.59 4.08
CA LEU A 56 -7.51 -12.50 2.63
C LEU A 56 -6.20 -12.43 1.83
N GLN A 57 -5.29 -11.57 2.23
CA GLN A 57 -3.98 -11.47 1.49
C GLN A 57 -2.88 -10.95 2.45
N THR A 58 -1.73 -10.62 1.93
CA THR A 58 -0.62 -10.11 2.80
C THR A 58 -0.01 -8.84 2.20
N PRO A 59 1.03 -8.33 2.84
CA PRO A 59 1.72 -7.12 2.31
C PRO A 59 2.46 -7.45 0.99
N LYS A 60 2.40 -8.68 0.54
CA LYS A 60 3.05 -9.06 -0.75
C LYS A 60 2.15 -8.59 -1.90
N THR A 61 0.86 -8.57 -1.65
CA THR A 61 -0.12 -8.08 -2.65
C THR A 61 -0.09 -6.56 -2.62
N LEU A 62 0.35 -6.01 -1.52
CA LEU A 62 0.51 -4.54 -1.43
C LEU A 62 1.78 -4.19 -2.23
N GLN A 63 2.68 -5.15 -2.31
CA GLN A 63 3.92 -4.97 -3.12
C GLN A 63 3.59 -5.38 -4.56
N GLU A 64 2.61 -6.25 -4.71
CA GLU A 64 2.17 -6.69 -6.06
C GLU A 64 1.41 -5.54 -6.71
N ALA A 65 0.84 -4.69 -5.89
CA ALA A 65 0.10 -3.52 -6.43
C ALA A 65 1.07 -2.35 -6.58
N ILE A 66 2.14 -2.38 -5.82
CA ILE A 66 3.16 -1.31 -5.94
C ILE A 66 4.16 -1.70 -7.02
N ASP A 67 4.47 -2.96 -7.10
CA ASP A 67 5.41 -3.42 -8.15
C ASP A 67 4.66 -3.43 -9.50
N ASP A 68 3.36 -3.61 -9.47
CA ASP A 68 2.57 -3.60 -10.74
C ASP A 68 2.37 -2.16 -11.24
N MET A 69 2.15 -1.22 -10.34
CA MET A 69 1.96 0.19 -10.81
C MET A 69 3.26 0.75 -11.39
N GLY A 70 4.40 0.37 -10.83
CA GLY A 70 5.71 0.87 -11.39
C GLY A 70 6.30 1.93 -10.46
N PHE A 71 6.38 1.67 -9.19
CA PHE A 71 6.97 2.66 -8.24
C PHE A 71 8.01 1.99 -7.34
N ASP A 72 9.26 2.36 -7.47
CA ASP A 72 10.35 1.74 -6.64
C ASP A 72 9.93 1.70 -5.15
N ALA A 73 9.62 0.54 -4.64
CA ALA A 73 9.18 0.45 -3.22
C ALA A 73 10.22 -0.28 -2.33
N VAL A 74 10.08 -0.12 -1.04
CA VAL A 74 10.99 -0.76 -0.05
C VAL A 74 10.33 -0.58 1.31
N ILE A 75 9.73 -1.61 1.85
CA ILE A 75 8.97 -1.44 3.12
C ILE A 75 8.79 -2.75 3.91
N HIS A 76 7.60 -2.99 4.47
CA HIS A 76 7.41 -4.24 5.28
C HIS A 76 6.60 -5.29 4.50
N ASN A 77 7.22 -5.86 3.50
CA ASN A 77 6.57 -6.91 2.67
C ASN A 77 7.39 -8.21 2.78
N PRO A 78 6.79 -9.32 2.42
CA PRO A 78 7.51 -10.62 2.49
C PRO A 78 8.35 -10.81 1.22
N ASP A 79 7.72 -10.78 0.07
CA ASP A 79 8.44 -10.97 -1.22
C ASP A 79 7.77 -10.13 -2.33
CU CU1 B . 2.94 11.50 -11.17
N MET A 1 -15.07 -16.25 17.23
CA MET A 1 -14.78 -14.79 17.43
C MET A 1 -13.53 -14.37 16.63
N ASP A 2 -13.16 -13.11 16.72
CA ASP A 2 -11.95 -12.59 15.99
C ASP A 2 -11.84 -13.17 14.57
N PRO A 3 -12.80 -12.81 13.74
CA PRO A 3 -12.78 -13.25 12.33
C PRO A 3 -11.65 -12.51 11.58
N SER A 4 -11.15 -11.42 12.12
CA SER A 4 -10.04 -10.67 11.45
C SER A 4 -8.98 -10.19 12.45
N MET A 5 -9.15 -10.46 13.73
CA MET A 5 -8.14 -10.03 14.76
C MET A 5 -7.71 -8.55 14.59
N GLY A 6 -8.57 -7.73 14.05
CA GLY A 6 -8.23 -6.28 13.86
C GLY A 6 -7.60 -6.02 12.48
N VAL A 7 -7.51 -7.03 11.63
CA VAL A 7 -6.90 -6.83 10.26
C VAL A 7 -5.40 -6.48 10.40
N ASN A 8 -4.69 -6.37 9.30
CA ASN A 8 -3.23 -6.05 9.39
C ASN A 8 -2.91 -4.71 8.73
N SER A 9 -1.85 -4.07 9.14
CA SER A 9 -1.46 -2.77 8.52
C SER A 9 -0.07 -2.88 7.89
N VAL A 10 0.15 -2.19 6.82
CA VAL A 10 1.48 -2.28 6.14
C VAL A 10 1.95 -0.92 5.63
N THR A 11 3.19 -0.58 5.88
CA THR A 11 3.74 0.71 5.42
C THR A 11 4.75 0.45 4.29
N ILE A 12 4.48 0.94 3.11
CA ILE A 12 5.39 0.69 1.96
C ILE A 12 6.14 1.98 1.58
N SER A 13 7.37 1.85 1.15
CA SER A 13 8.14 3.05 0.73
C SER A 13 7.70 3.44 -0.68
N VAL A 14 7.51 4.71 -0.96
CA VAL A 14 7.04 5.09 -2.30
C VAL A 14 7.93 6.19 -2.93
N GLU A 15 8.67 5.84 -3.96
CA GLU A 15 9.52 6.83 -4.67
C GLU A 15 9.11 6.86 -6.15
N GLY A 16 9.61 7.81 -6.89
CA GLY A 16 9.22 7.90 -8.33
C GLY A 16 7.79 8.44 -8.43
N MET A 17 7.34 9.18 -7.43
CA MET A 17 5.95 9.73 -7.48
C MET A 17 5.83 10.75 -8.62
N THR A 18 6.86 11.50 -8.86
CA THR A 18 6.87 12.56 -9.94
C THR A 18 5.78 13.62 -9.75
N CYS A 19 4.58 13.22 -9.40
CA CYS A 19 3.46 14.18 -9.23
C CYS A 19 2.18 13.44 -8.84
N ASN A 20 1.21 14.17 -8.33
CA ASN A 20 -0.12 13.58 -7.93
C ASN A 20 -0.55 12.44 -8.86
N SER A 21 -0.27 12.55 -10.14
CA SER A 21 -0.62 11.48 -11.12
C SER A 21 -0.23 10.09 -10.57
N CYS A 22 0.81 10.05 -9.78
CA CYS A 22 1.28 8.75 -9.20
C CYS A 22 0.58 8.53 -7.86
N VAL A 23 0.21 9.60 -7.20
CA VAL A 23 -0.56 9.46 -5.94
C VAL A 23 -1.95 9.00 -6.34
N TRP A 24 -2.43 9.51 -7.44
CA TRP A 24 -3.77 9.05 -7.93
C TRP A 24 -3.64 7.59 -8.36
N THR A 25 -2.50 7.23 -8.86
CA THR A 25 -2.27 5.81 -9.33
C THR A 25 -1.93 4.86 -8.16
N ILE A 26 -1.41 5.37 -7.08
CA ILE A 26 -1.04 4.50 -5.92
C ILE A 26 -2.14 4.54 -4.86
N GLU A 27 -2.92 5.59 -4.88
CA GLU A 27 -4.04 5.72 -3.92
C GLU A 27 -5.22 4.93 -4.50
N GLN A 28 -5.36 4.96 -5.80
CA GLN A 28 -6.46 4.18 -6.44
C GLN A 28 -6.07 2.71 -6.56
N GLN A 29 -4.80 2.41 -6.77
CA GLN A 29 -4.41 0.97 -6.89
C GLN A 29 -4.34 0.32 -5.51
N ILE A 30 -3.48 0.78 -4.63
CA ILE A 30 -3.40 0.16 -3.27
C ILE A 30 -4.72 0.39 -2.51
N GLY A 31 -5.33 1.55 -2.68
CA GLY A 31 -6.63 1.81 -1.99
C GLY A 31 -7.66 0.75 -2.40
N LYS A 32 -7.76 0.47 -3.68
CA LYS A 32 -8.73 -0.56 -4.15
C LYS A 32 -8.01 -1.81 -4.68
N VAL A 33 -6.84 -2.11 -4.14
CA VAL A 33 -6.07 -3.31 -4.63
C VAL A 33 -6.84 -4.61 -4.32
N ASN A 34 -7.49 -4.69 -3.19
CA ASN A 34 -8.25 -5.93 -2.83
C ASN A 34 -9.00 -5.74 -1.51
N GLY A 35 -8.29 -5.47 -0.45
CA GLY A 35 -8.93 -5.25 0.88
C GLY A 35 -8.09 -4.26 1.67
N VAL A 36 -8.29 -2.99 1.43
CA VAL A 36 -7.53 -1.95 2.16
C VAL A 36 -8.50 -1.01 2.85
N HIS A 37 -8.78 -1.31 4.07
CA HIS A 37 -9.74 -0.47 4.86
C HIS A 37 -9.23 0.98 4.98
N HIS A 38 -7.95 1.19 4.74
CA HIS A 38 -7.37 2.55 4.83
C HIS A 38 -6.07 2.57 4.01
N ILE A 39 -5.91 3.53 3.14
CA ILE A 39 -4.69 3.61 2.32
C ILE A 39 -4.11 5.03 2.38
N LYS A 40 -2.84 5.16 2.70
CA LYS A 40 -2.24 6.53 2.77
C LYS A 40 -1.08 6.64 1.78
N VAL A 41 -1.16 7.58 0.88
CA VAL A 41 -0.07 7.77 -0.10
C VAL A 41 0.70 9.05 0.28
N SER A 42 1.94 9.14 -0.06
CA SER A 42 2.72 10.34 0.34
C SER A 42 3.59 10.83 -0.82
N LEU A 43 2.98 11.50 -1.77
CA LEU A 43 3.72 12.04 -2.96
C LEU A 43 5.10 12.62 -2.58
N GLU A 44 5.13 13.57 -1.68
CA GLU A 44 6.45 14.16 -1.29
C GLU A 44 7.03 13.49 -0.05
N GLU A 45 6.19 13.06 0.84
CA GLU A 45 6.71 12.34 2.05
C GLU A 45 7.34 10.99 1.63
N LYS A 46 7.20 10.60 0.37
CA LYS A 46 7.79 9.32 -0.13
C LYS A 46 7.31 8.12 0.71
N ASN A 47 6.05 7.76 0.61
CA ASN A 47 5.56 6.60 1.41
C ASN A 47 4.15 6.15 1.03
N ALA A 48 3.82 4.93 1.40
CA ALA A 48 2.48 4.38 1.11
C ALA A 48 2.09 3.41 2.24
N THR A 49 1.32 3.86 3.21
CA THR A 49 0.92 2.95 4.32
C THR A 49 -0.57 2.61 4.23
N ILE A 50 -0.90 1.36 4.38
CA ILE A 50 -2.34 0.93 4.27
C ILE A 50 -2.64 -0.23 5.22
N ILE A 51 -3.88 -0.67 5.25
CA ILE A 51 -4.28 -1.81 6.11
C ILE A 51 -4.93 -2.88 5.21
N TYR A 52 -4.97 -4.10 5.66
CA TYR A 52 -5.54 -5.18 4.81
C TYR A 52 -5.86 -6.44 5.63
N ASP A 53 -6.81 -7.22 5.20
CA ASP A 53 -7.14 -8.47 5.94
C ASP A 53 -6.12 -9.57 5.59
N PRO A 54 -5.41 -10.01 6.60
CA PRO A 54 -4.36 -11.06 6.40
C PRO A 54 -4.99 -12.42 6.02
N LYS A 55 -5.74 -12.44 4.95
CA LYS A 55 -6.37 -13.70 4.47
C LYS A 55 -6.18 -13.79 2.95
N LEU A 56 -6.79 -12.89 2.22
CA LEU A 56 -6.60 -12.86 0.73
C LEU A 56 -5.51 -11.82 0.37
N GLN A 57 -5.10 -11.04 1.35
CA GLN A 57 -4.05 -10.01 1.10
C GLN A 57 -2.92 -10.14 2.13
N THR A 58 -1.72 -9.86 1.74
CA THR A 58 -0.55 -9.97 2.68
C THR A 58 0.44 -8.83 2.44
N PRO A 59 1.39 -8.69 3.34
CA PRO A 59 2.43 -7.62 3.19
C PRO A 59 3.31 -7.86 1.96
N LYS A 60 3.35 -9.07 1.46
CA LYS A 60 4.17 -9.37 0.25
C LYS A 60 3.32 -9.20 -1.02
N THR A 61 2.04 -9.44 -0.92
CA THR A 61 1.15 -9.24 -2.10
C THR A 61 0.85 -7.75 -2.22
N LEU A 62 0.96 -7.04 -1.13
CA LEU A 62 0.79 -5.56 -1.19
C LEU A 62 2.04 -5.00 -1.86
N GLN A 63 3.14 -5.68 -1.66
CA GLN A 63 4.43 -5.29 -2.30
C GLN A 63 4.44 -5.84 -3.72
N GLU A 64 3.74 -6.93 -3.93
CA GLU A 64 3.64 -7.52 -5.29
C GLU A 64 2.56 -6.76 -6.07
N ALA A 65 1.74 -6.02 -5.38
CA ALA A 65 0.71 -5.19 -6.05
C ALA A 65 1.36 -3.84 -6.39
N ILE A 66 2.35 -3.48 -5.63
CA ILE A 66 3.11 -2.23 -5.89
C ILE A 66 4.22 -2.55 -6.90
N ASP A 67 4.82 -3.70 -6.76
CA ASP A 67 5.87 -4.12 -7.73
C ASP A 67 5.21 -4.34 -9.09
N ASP A 68 3.97 -4.80 -9.08
CA ASP A 68 3.25 -5.02 -10.38
C ASP A 68 2.72 -3.66 -10.88
N MET A 69 2.26 -2.82 -9.99
CA MET A 69 1.74 -1.47 -10.39
C MET A 69 2.73 -0.79 -11.35
N GLY A 70 3.94 -0.57 -10.89
CA GLY A 70 4.97 0.08 -11.77
C GLY A 70 5.51 1.33 -11.10
N PHE A 71 5.94 1.22 -9.86
CA PHE A 71 6.48 2.42 -9.15
C PHE A 71 7.69 2.04 -8.29
N ASP A 72 8.62 2.96 -8.16
CA ASP A 72 9.83 2.69 -7.31
C ASP A 72 9.42 2.70 -5.83
N ALA A 73 8.89 1.61 -5.35
CA ALA A 73 8.47 1.56 -3.92
C ALA A 73 8.94 0.26 -3.26
N VAL A 74 9.34 0.31 -2.01
CA VAL A 74 9.78 -0.91 -1.30
C VAL A 74 8.82 -1.11 -0.12
N ILE A 75 9.33 -1.41 1.02
CA ILE A 75 8.45 -1.63 2.21
C ILE A 75 9.16 -1.28 3.52
N HIS A 76 8.42 -0.78 4.47
CA HIS A 76 9.02 -0.46 5.81
C HIS A 76 8.42 -1.42 6.85
N ASN A 77 7.91 -2.54 6.40
CA ASN A 77 7.30 -3.54 7.32
C ASN A 77 8.19 -4.79 7.42
N PRO A 78 8.32 -5.32 8.61
CA PRO A 78 9.16 -6.54 8.81
C PRO A 78 8.43 -7.79 8.27
N ASP A 79 8.07 -7.77 7.01
CA ASP A 79 7.37 -8.93 6.40
C ASP A 79 8.11 -9.44 5.15
CU CU1 B . 3.32 11.45 -11.09
N MET A 1 -17.68 -10.57 6.23
CA MET A 1 -17.59 -9.24 6.91
C MET A 1 -16.40 -9.19 7.87
N ASP A 2 -16.48 -9.87 8.98
CA ASP A 2 -15.34 -9.86 9.97
C ASP A 2 -14.74 -11.25 10.15
N PRO A 3 -13.90 -11.62 9.21
CA PRO A 3 -13.20 -12.93 9.30
C PRO A 3 -12.14 -12.83 10.41
N SER A 4 -11.84 -11.62 10.86
CA SER A 4 -10.83 -11.43 11.94
C SER A 4 -11.25 -10.32 12.93
N MET A 5 -12.12 -9.40 12.56
CA MET A 5 -12.53 -8.31 13.51
C MET A 5 -11.30 -7.55 14.02
N GLY A 6 -10.50 -7.01 13.13
CA GLY A 6 -9.27 -6.26 13.56
C GLY A 6 -8.48 -5.79 12.33
N VAL A 7 -8.15 -6.70 11.43
CA VAL A 7 -7.37 -6.34 10.19
C VAL A 7 -5.93 -5.93 10.55
N ASN A 8 -5.05 -5.86 9.58
CA ASN A 8 -3.63 -5.48 9.85
C ASN A 8 -3.31 -4.11 9.22
N SER A 9 -2.10 -3.65 9.38
CA SER A 9 -1.71 -2.32 8.79
C SER A 9 -0.28 -2.39 8.24
N VAL A 10 -0.08 -1.90 7.04
CA VAL A 10 1.27 -1.97 6.43
C VAL A 10 1.71 -0.62 5.84
N THR A 11 2.94 -0.25 6.11
CA THR A 11 3.50 1.03 5.56
C THR A 11 4.63 0.69 4.59
N ILE A 12 4.48 1.07 3.35
CA ILE A 12 5.54 0.73 2.33
C ILE A 12 6.16 1.99 1.73
N SER A 13 7.43 1.93 1.40
CA SER A 13 8.09 3.11 0.75
C SER A 13 7.95 2.96 -0.77
N VAL A 14 7.78 4.04 -1.48
CA VAL A 14 7.61 3.94 -2.96
C VAL A 14 8.35 5.08 -3.67
N GLU A 15 9.20 4.76 -4.61
CA GLU A 15 9.92 5.84 -5.34
C GLU A 15 9.40 5.93 -6.79
N GLY A 16 9.72 7.01 -7.47
CA GLY A 16 9.21 7.20 -8.86
C GLY A 16 8.02 8.17 -8.82
N MET A 17 7.34 8.24 -7.70
CA MET A 17 6.18 9.17 -7.58
C MET A 17 6.69 10.62 -7.45
N THR A 18 6.62 11.37 -8.53
CA THR A 18 7.09 12.79 -8.48
C THR A 18 5.92 13.78 -8.48
N CYS A 19 4.69 13.30 -8.33
CA CYS A 19 3.51 14.21 -8.32
C CYS A 19 2.24 13.40 -8.10
N ASN A 20 1.33 13.92 -7.30
CA ASN A 20 0.02 13.24 -6.96
C ASN A 20 -0.39 12.21 -8.03
N SER A 21 -0.31 12.57 -9.29
CA SER A 21 -0.70 11.60 -10.37
C SER A 21 -0.05 10.20 -10.15
N CYS A 22 1.08 10.16 -9.49
CA CYS A 22 1.77 8.85 -9.22
C CYS A 22 1.23 8.25 -7.92
N VAL A 23 0.88 9.09 -7.00
CA VAL A 23 0.29 8.63 -5.72
C VAL A 23 -1.16 8.28 -6.02
N TRP A 24 -1.81 9.06 -6.84
CA TRP A 24 -3.22 8.73 -7.21
C TRP A 24 -3.21 7.36 -7.87
N THR A 25 -2.18 7.10 -8.64
CA THR A 25 -2.07 5.78 -9.33
C THR A 25 -1.89 4.63 -8.32
N ILE A 26 -1.21 4.89 -7.24
CA ILE A 26 -0.99 3.81 -6.20
C ILE A 26 -2.06 3.92 -5.11
N GLU A 27 -2.54 5.10 -4.87
CA GLU A 27 -3.59 5.31 -3.85
C GLU A 27 -4.90 4.80 -4.43
N GLN A 28 -5.09 4.96 -5.71
CA GLN A 28 -6.33 4.43 -6.35
C GLN A 28 -6.16 2.93 -6.58
N GLN A 29 -4.96 2.48 -6.88
CA GLN A 29 -4.78 1.02 -7.10
C GLN A 29 -4.84 0.27 -5.77
N ILE A 30 -4.09 0.69 -4.78
CA ILE A 30 -4.14 -0.01 -3.46
C ILE A 30 -5.58 0.01 -2.92
N GLY A 31 -6.28 1.12 -3.06
CA GLY A 31 -7.69 1.19 -2.58
C GLY A 31 -8.54 0.21 -3.40
N LYS A 32 -8.14 -0.09 -4.61
CA LYS A 32 -8.92 -1.02 -5.47
C LYS A 32 -8.06 -2.28 -5.80
N VAL A 33 -7.11 -2.64 -4.96
CA VAL A 33 -6.26 -3.83 -5.27
C VAL A 33 -6.89 -5.15 -4.76
N ASN A 34 -7.33 -5.24 -3.52
CA ASN A 34 -7.92 -6.53 -3.05
C ASN A 34 -8.61 -6.39 -1.68
N GLY A 35 -7.87 -6.15 -0.62
CA GLY A 35 -8.50 -6.04 0.73
C GLY A 35 -7.81 -4.96 1.57
N VAL A 36 -8.02 -3.71 1.25
CA VAL A 36 -7.42 -2.60 2.03
C VAL A 36 -8.53 -1.64 2.44
N HIS A 37 -9.10 -1.91 3.57
CA HIS A 37 -10.22 -1.05 4.09
C HIS A 37 -9.74 0.39 4.34
N HIS A 38 -8.46 0.57 4.53
CA HIS A 38 -7.89 1.95 4.76
C HIS A 38 -6.62 2.11 3.95
N ILE A 39 -6.62 2.97 2.96
CA ILE A 39 -5.39 3.16 2.13
C ILE A 39 -4.84 4.59 2.34
N LYS A 40 -3.55 4.76 2.49
CA LYS A 40 -3.03 6.14 2.69
C LYS A 40 -1.61 6.32 2.16
N VAL A 41 -1.44 7.26 1.26
CA VAL A 41 -0.11 7.55 0.66
C VAL A 41 0.19 9.06 0.81
N SER A 42 1.41 9.48 0.59
CA SER A 42 1.73 10.93 0.73
C SER A 42 1.97 11.56 -0.66
N LEU A 43 3.22 11.77 -1.05
CA LEU A 43 3.53 12.35 -2.38
C LEU A 43 5.05 12.46 -2.56
N GLU A 44 5.67 13.56 -2.22
CA GLU A 44 7.16 13.66 -2.36
C GLU A 44 7.82 12.89 -1.22
N GLU A 45 7.05 12.48 -0.25
CA GLU A 45 7.59 11.67 0.88
C GLU A 45 7.85 10.23 0.39
N LYS A 46 7.36 9.89 -0.78
CA LYS A 46 7.58 8.52 -1.36
C LYS A 46 7.19 7.43 -0.37
N ASN A 47 5.96 7.43 0.13
CA ASN A 47 5.57 6.37 1.10
C ASN A 47 4.05 6.10 1.09
N ALA A 48 3.67 4.89 1.45
CA ALA A 48 2.22 4.54 1.47
C ALA A 48 1.91 3.61 2.66
N THR A 49 0.86 3.87 3.38
CA THR A 49 0.48 3.00 4.53
C THR A 49 -0.99 2.59 4.39
N ILE A 50 -1.29 1.34 4.60
CA ILE A 50 -2.72 0.90 4.46
C ILE A 50 -3.02 -0.28 5.40
N ILE A 51 -4.27 -0.57 5.61
CA ILE A 51 -4.62 -1.72 6.47
C ILE A 51 -5.15 -2.83 5.57
N TYR A 52 -5.28 -4.01 6.08
CA TYR A 52 -5.74 -5.13 5.23
C TYR A 52 -6.06 -6.36 6.06
N ASP A 53 -6.82 -7.28 5.52
CA ASP A 53 -7.14 -8.50 6.28
C ASP A 53 -5.95 -9.47 6.25
N PRO A 54 -5.46 -9.82 7.41
CA PRO A 54 -4.30 -10.76 7.52
C PRO A 54 -4.71 -12.13 7.00
N LYS A 55 -4.90 -12.24 5.71
CA LYS A 55 -5.32 -13.53 5.09
C LYS A 55 -5.28 -13.44 3.56
N LEU A 56 -5.80 -12.38 2.99
CA LEU A 56 -5.79 -12.26 1.49
C LEU A 56 -4.85 -11.14 1.00
N GLN A 57 -4.53 -10.19 1.84
CA GLN A 57 -3.61 -9.08 1.42
C GLN A 57 -2.44 -8.98 2.39
N THR A 58 -1.22 -8.86 1.88
CA THR A 58 -0.03 -8.76 2.80
C THR A 58 0.99 -7.77 2.21
N PRO A 59 1.96 -7.38 3.01
CA PRO A 59 3.01 -6.43 2.55
C PRO A 59 3.82 -6.99 1.36
N LYS A 60 3.83 -8.28 1.18
CA LYS A 60 4.57 -8.88 0.02
C LYS A 60 3.69 -8.76 -1.23
N THR A 61 2.40 -8.80 -1.05
CA THR A 61 1.45 -8.65 -2.19
C THR A 61 1.14 -7.16 -2.33
N LEU A 62 1.30 -6.42 -1.26
CA LEU A 62 1.08 -4.94 -1.31
C LEU A 62 2.27 -4.33 -2.04
N GLN A 63 3.40 -4.99 -1.96
CA GLN A 63 4.61 -4.51 -2.68
C GLN A 63 4.55 -5.02 -4.11
N GLU A 64 3.93 -6.16 -4.29
CA GLU A 64 3.79 -6.72 -5.67
C GLU A 64 2.61 -6.02 -6.35
N ALA A 65 1.75 -5.44 -5.56
CA ALA A 65 0.62 -4.66 -6.12
C ALA A 65 1.16 -3.27 -6.47
N ILE A 66 2.17 -2.84 -5.74
CA ILE A 66 2.81 -1.54 -6.04
C ILE A 66 3.79 -1.76 -7.18
N ASP A 67 4.49 -2.89 -7.15
CA ASP A 67 5.40 -3.21 -8.28
C ASP A 67 4.56 -3.30 -9.55
N ASP A 68 3.31 -3.68 -9.40
CA ASP A 68 2.38 -3.77 -10.59
C ASP A 68 2.05 -2.35 -11.09
N MET A 69 1.78 -1.43 -10.19
CA MET A 69 1.45 -0.02 -10.61
C MET A 69 2.55 0.57 -11.51
N GLY A 70 3.80 0.43 -11.11
CA GLY A 70 4.91 0.99 -11.96
C GLY A 70 5.74 2.01 -11.16
N PHE A 71 6.03 1.72 -9.93
CA PHE A 71 6.83 2.66 -9.08
C PHE A 71 7.74 1.86 -8.15
N ASP A 72 9.01 2.17 -8.10
CA ASP A 72 9.94 1.42 -7.20
C ASP A 72 9.32 1.28 -5.79
N ALA A 73 9.05 0.07 -5.37
CA ALA A 73 8.42 -0.13 -4.03
C ALA A 73 9.40 -0.75 -3.03
N VAL A 74 9.24 -0.43 -1.77
CA VAL A 74 10.12 -1.00 -0.70
C VAL A 74 9.33 -0.98 0.62
N ILE A 75 8.71 -2.08 0.92
CA ILE A 75 7.87 -2.18 2.14
C ILE A 75 8.70 -2.18 3.42
N HIS A 76 8.11 -1.69 4.46
CA HIS A 76 8.78 -1.67 5.78
C HIS A 76 8.12 -2.67 6.75
N ASN A 77 7.32 -3.57 6.23
CA ASN A 77 6.64 -4.58 7.10
C ASN A 77 6.78 -5.99 6.51
N PRO A 78 7.01 -6.95 7.38
CA PRO A 78 7.16 -8.36 6.93
C PRO A 78 5.77 -8.99 6.67
N ASP A 79 4.89 -8.93 7.64
CA ASP A 79 3.54 -9.52 7.46
C ASP A 79 2.45 -8.50 7.84
CU CU1 B . 2.77 12.02 -10.78
N MET A 1 -8.22 0.55 22.50
CA MET A 1 -7.50 -0.69 22.08
C MET A 1 -8.30 -1.41 20.99
N ASP A 2 -7.69 -2.36 20.31
CA ASP A 2 -8.41 -3.11 19.23
C ASP A 2 -9.12 -2.16 18.25
N PRO A 3 -8.37 -1.20 17.73
CA PRO A 3 -8.94 -0.26 16.75
C PRO A 3 -9.14 -1.00 15.41
N SER A 4 -8.57 -2.17 15.28
CA SER A 4 -8.71 -2.96 14.03
C SER A 4 -8.49 -4.46 14.29
N MET A 5 -8.78 -4.93 15.48
CA MET A 5 -8.59 -6.39 15.79
C MET A 5 -9.04 -7.26 14.61
N GLY A 6 -8.11 -7.84 13.90
CA GLY A 6 -8.48 -8.68 12.71
C GLY A 6 -7.88 -8.09 11.43
N VAL A 7 -7.62 -6.80 11.40
CA VAL A 7 -7.03 -6.17 10.18
C VAL A 7 -5.56 -5.80 10.43
N ASN A 8 -4.71 -5.89 9.44
CA ASN A 8 -3.26 -5.55 9.65
C ASN A 8 -2.92 -4.21 8.97
N SER A 9 -1.73 -3.71 9.19
CA SER A 9 -1.31 -2.41 8.57
C SER A 9 0.06 -2.55 7.90
N VAL A 10 0.18 -2.11 6.67
CA VAL A 10 1.47 -2.24 5.93
C VAL A 10 1.97 -0.89 5.40
N THR A 11 3.22 -0.59 5.62
CA THR A 11 3.79 0.69 5.11
C THR A 11 4.74 0.41 3.95
N ILE A 12 4.44 0.93 2.79
CA ILE A 12 5.32 0.67 1.61
C ILE A 12 6.07 1.94 1.19
N SER A 13 7.37 1.89 1.18
CA SER A 13 8.16 3.08 0.73
C SER A 13 8.15 3.12 -0.80
N VAL A 14 7.95 4.27 -1.39
CA VAL A 14 7.91 4.34 -2.88
C VAL A 14 8.80 5.47 -3.40
N GLU A 15 9.65 5.18 -4.35
CA GLU A 15 10.52 6.24 -4.93
C GLU A 15 10.24 6.41 -6.42
N GLY A 16 10.60 7.53 -6.98
CA GLY A 16 10.35 7.77 -8.43
C GLY A 16 9.07 8.62 -8.61
N MET A 17 8.12 8.47 -7.71
CA MET A 17 6.85 9.27 -7.84
C MET A 17 7.16 10.78 -7.74
N THR A 18 6.79 11.55 -8.74
CA THR A 18 7.10 13.02 -8.73
C THR A 18 5.86 13.90 -8.93
N CYS A 19 4.67 13.35 -8.99
CA CYS A 19 3.47 14.24 -9.19
C CYS A 19 2.19 13.49 -8.87
N ASN A 20 1.22 14.19 -8.33
CA ASN A 20 -0.12 13.58 -7.93
C ASN A 20 -0.47 12.34 -8.75
N SER A 21 -0.20 12.34 -10.04
CA SER A 21 -0.50 11.12 -10.86
C SER A 21 0.12 9.85 -10.21
N CYS A 22 1.07 10.01 -9.36
CA CYS A 22 1.66 8.80 -8.70
C CYS A 22 0.91 8.51 -7.40
N VAL A 23 0.23 9.51 -6.87
CA VAL A 23 -0.55 9.31 -5.62
C VAL A 23 -1.96 8.87 -6.00
N TRP A 24 -2.49 9.39 -7.08
CA TRP A 24 -3.87 8.95 -7.45
C TRP A 24 -3.76 7.58 -8.13
N THR A 25 -2.63 7.24 -8.68
CA THR A 25 -2.49 5.87 -9.30
C THR A 25 -2.09 4.83 -8.24
N ILE A 26 -1.41 5.24 -7.19
CA ILE A 26 -1.01 4.26 -6.10
C ILE A 26 -2.10 4.22 -5.03
N GLU A 27 -2.86 5.27 -4.91
CA GLU A 27 -3.97 5.30 -3.93
C GLU A 27 -5.15 4.58 -4.58
N GLN A 28 -5.26 4.73 -5.88
CA GLN A 28 -6.35 4.02 -6.61
C GLN A 28 -5.99 2.54 -6.68
N GLN A 29 -4.71 2.23 -6.76
CA GLN A 29 -4.29 0.80 -6.84
C GLN A 29 -4.51 0.11 -5.49
N ILE A 30 -3.77 0.51 -4.47
CA ILE A 30 -3.93 -0.15 -3.14
C ILE A 30 -5.34 0.12 -2.59
N GLY A 31 -5.80 1.35 -2.66
CA GLY A 31 -7.17 1.67 -2.15
C GLY A 31 -8.20 0.69 -2.73
N LYS A 32 -8.02 0.25 -3.95
CA LYS A 32 -9.01 -0.70 -4.55
C LYS A 32 -8.33 -1.98 -5.09
N VAL A 33 -7.22 -2.39 -4.51
CA VAL A 33 -6.53 -3.64 -5.01
C VAL A 33 -7.29 -4.92 -4.59
N ASN A 34 -7.63 -5.07 -3.33
CA ASN A 34 -8.38 -6.31 -2.89
C ASN A 34 -8.71 -6.26 -1.39
N GLY A 35 -7.72 -6.19 -0.53
CA GLY A 35 -7.99 -6.17 0.93
C GLY A 35 -7.39 -4.92 1.58
N VAL A 36 -7.93 -3.77 1.26
CA VAL A 36 -7.42 -2.51 1.86
C VAL A 36 -8.63 -1.65 2.25
N HIS A 37 -9.05 -1.80 3.46
CA HIS A 37 -10.24 -0.98 3.95
C HIS A 37 -10.00 0.51 3.64
N HIS A 38 -8.76 0.92 3.63
CA HIS A 38 -8.36 2.32 3.34
C HIS A 38 -6.82 2.37 3.20
N ILE A 39 -6.32 3.20 2.32
CA ILE A 39 -4.84 3.28 2.11
C ILE A 39 -4.33 4.71 2.40
N LYS A 40 -3.15 4.86 2.94
CA LYS A 40 -2.63 6.24 3.22
C LYS A 40 -1.30 6.44 2.50
N VAL A 41 -1.33 7.11 1.38
CA VAL A 41 -0.08 7.35 0.60
C VAL A 41 0.29 8.83 0.70
N SER A 42 1.54 9.13 0.53
CA SER A 42 2.01 10.54 0.61
C SER A 42 3.06 10.80 -0.47
N LEU A 43 2.62 11.00 -1.69
CA LEU A 43 3.59 11.26 -2.81
C LEU A 43 4.66 12.28 -2.40
N GLU A 44 4.31 13.21 -1.54
CA GLU A 44 5.31 14.24 -1.09
C GLU A 44 6.31 13.59 -0.16
N GLU A 45 5.85 12.92 0.85
CA GLU A 45 6.79 12.22 1.78
C GLU A 45 7.38 10.96 1.09
N LYS A 46 7.01 10.73 -0.16
CA LYS A 46 7.53 9.53 -0.91
C LYS A 46 7.34 8.22 -0.12
N ASN A 47 6.13 7.92 0.28
CA ASN A 47 5.88 6.66 1.05
C ASN A 47 4.36 6.41 1.20
N ALA A 48 3.96 5.19 1.46
CA ALA A 48 2.49 4.90 1.61
C ALA A 48 2.23 3.82 2.67
N THR A 49 1.24 4.02 3.50
CA THR A 49 0.90 3.00 4.51
C THR A 49 -0.59 2.64 4.40
N ILE A 50 -0.91 1.39 4.46
CA ILE A 50 -2.34 0.97 4.31
C ILE A 50 -2.67 -0.24 5.19
N ILE A 51 -3.93 -0.56 5.35
CA ILE A 51 -4.29 -1.73 6.17
C ILE A 51 -4.82 -2.85 5.28
N TYR A 52 -4.98 -4.02 5.83
CA TYR A 52 -5.46 -5.17 5.01
C TYR A 52 -5.79 -6.36 5.91
N ASP A 53 -6.58 -7.27 5.42
CA ASP A 53 -6.92 -8.46 6.23
C ASP A 53 -5.75 -9.47 6.17
N PRO A 54 -5.16 -9.74 7.31
CA PRO A 54 -4.03 -10.69 7.38
C PRO A 54 -4.53 -12.10 7.10
N LYS A 55 -4.98 -12.33 5.89
CA LYS A 55 -5.52 -13.65 5.48
C LYS A 55 -5.58 -13.69 3.95
N LEU A 56 -6.24 -12.74 3.34
CA LEU A 56 -6.30 -12.71 1.84
C LEU A 56 -5.25 -11.71 1.30
N GLN A 57 -5.11 -10.56 1.94
CA GLN A 57 -4.10 -9.55 1.47
C GLN A 57 -2.86 -9.54 2.37
N THR A 58 -1.68 -9.42 1.81
CA THR A 58 -0.42 -9.39 2.64
C THR A 58 0.57 -8.36 2.07
N PRO A 59 1.63 -8.11 2.82
CA PRO A 59 2.67 -7.13 2.37
C PRO A 59 3.35 -7.64 1.09
N LYS A 60 3.26 -8.92 0.82
CA LYS A 60 3.83 -9.48 -0.42
C LYS A 60 2.90 -9.12 -1.57
N THR A 61 1.63 -9.03 -1.29
CA THR A 61 0.62 -8.65 -2.33
C THR A 61 0.53 -7.13 -2.38
N LEU A 62 0.86 -6.49 -1.28
CA LEU A 62 0.86 -5.00 -1.26
C LEU A 62 2.14 -4.54 -1.98
N GLN A 63 3.14 -5.39 -1.95
CA GLN A 63 4.42 -5.09 -2.66
C GLN A 63 4.27 -5.56 -4.11
N GLU A 64 3.40 -6.50 -4.34
CA GLU A 64 3.16 -6.97 -5.73
C GLU A 64 2.11 -6.07 -6.37
N ALA A 65 1.41 -5.32 -5.56
CA ALA A 65 0.39 -4.37 -6.09
C ALA A 65 1.08 -3.04 -6.34
N ILE A 66 2.13 -2.76 -5.59
CA ILE A 66 2.88 -1.49 -5.82
C ILE A 66 3.91 -1.74 -6.91
N ASP A 67 4.52 -2.91 -6.90
CA ASP A 67 5.49 -3.23 -7.97
C ASP A 67 4.72 -3.45 -9.27
N ASP A 68 3.49 -3.93 -9.17
CA ASP A 68 2.66 -4.12 -10.40
C ASP A 68 2.28 -2.75 -10.98
N MET A 69 1.93 -1.81 -10.12
CA MET A 69 1.57 -0.43 -10.60
C MET A 69 2.70 0.15 -11.44
N GLY A 70 3.92 0.06 -10.97
CA GLY A 70 5.07 0.60 -11.77
C GLY A 70 5.83 1.66 -10.96
N PHE A 71 5.99 1.46 -9.68
CA PHE A 71 6.73 2.44 -8.83
C PHE A 71 7.76 1.68 -7.98
N ASP A 72 9.01 1.99 -8.10
CA ASP A 72 10.04 1.27 -7.27
C ASP A 72 9.73 1.46 -5.78
N ALA A 73 9.31 0.41 -5.12
CA ALA A 73 8.96 0.54 -3.68
C ALA A 73 9.75 -0.45 -2.81
N VAL A 74 9.69 -0.24 -1.52
CA VAL A 74 10.39 -1.15 -0.55
C VAL A 74 9.57 -1.17 0.74
N ILE A 75 8.68 -2.11 0.83
CA ILE A 75 7.77 -2.23 2.00
C ILE A 75 8.53 -2.23 3.33
N HIS A 76 7.94 -1.62 4.31
CA HIS A 76 8.57 -1.54 5.66
C HIS A 76 7.80 -2.42 6.67
N ASN A 77 6.88 -3.25 6.20
CA ASN A 77 6.10 -4.12 7.11
C ASN A 77 6.10 -5.58 6.61
N PRO A 78 6.95 -6.39 7.19
CA PRO A 78 7.03 -7.81 6.80
C PRO A 78 5.94 -8.65 7.52
N ASP A 79 4.74 -8.16 7.54
CA ASP A 79 3.63 -8.88 8.23
C ASP A 79 2.54 -9.29 7.22
CU CU1 B . 2.85 11.44 -10.92
N MET A 1 -12.09 -0.21 20.73
CA MET A 1 -11.67 0.50 19.47
C MET A 1 -11.72 -0.48 18.29
N ASP A 2 -10.94 -1.54 18.34
CA ASP A 2 -10.97 -2.57 17.25
C ASP A 2 -10.93 -1.93 15.86
N PRO A 3 -9.95 -1.08 15.63
CA PRO A 3 -9.79 -0.44 14.32
C PRO A 3 -9.13 -1.43 13.34
N SER A 4 -8.67 -2.57 13.85
CA SER A 4 -8.02 -3.58 12.96
C SER A 4 -8.45 -5.01 13.35
N MET A 5 -9.43 -5.16 14.21
CA MET A 5 -9.87 -6.55 14.61
C MET A 5 -10.16 -7.42 13.36
N GLY A 6 -9.16 -8.15 12.88
CA GLY A 6 -9.38 -9.02 11.68
C GLY A 6 -8.50 -8.58 10.49
N VAL A 7 -7.86 -7.43 10.56
CA VAL A 7 -7.00 -6.97 9.40
C VAL A 7 -5.61 -6.52 9.87
N ASN A 8 -4.68 -6.38 8.96
CA ASN A 8 -3.30 -5.95 9.36
C ASN A 8 -2.96 -4.59 8.70
N SER A 9 -1.91 -3.95 9.13
CA SER A 9 -1.53 -2.63 8.52
C SER A 9 -0.18 -2.72 7.83
N VAL A 10 -0.06 -2.15 6.65
CA VAL A 10 1.23 -2.21 5.92
C VAL A 10 1.71 -0.82 5.50
N THR A 11 2.87 -0.45 5.96
CA THR A 11 3.46 0.87 5.58
C THR A 11 4.69 0.59 4.70
N ILE A 12 4.56 0.80 3.42
CA ILE A 12 5.70 0.52 2.51
C ILE A 12 6.26 1.80 1.89
N SER A 13 7.56 1.91 1.79
CA SER A 13 8.15 3.12 1.15
C SER A 13 7.95 2.98 -0.36
N VAL A 14 7.50 4.03 -1.01
CA VAL A 14 7.25 3.95 -2.47
C VAL A 14 8.10 4.96 -3.24
N GLU A 15 8.92 4.48 -4.14
CA GLU A 15 9.79 5.39 -4.94
C GLU A 15 9.29 5.43 -6.40
N GLY A 16 10.03 6.06 -7.27
CA GLY A 16 9.59 6.15 -8.70
C GLY A 16 8.53 7.26 -8.83
N MET A 17 8.50 8.19 -7.92
CA MET A 17 7.48 9.29 -7.99
C MET A 17 7.72 10.20 -9.21
N THR A 18 6.69 10.84 -9.68
CA THR A 18 6.83 11.74 -10.88
C THR A 18 5.88 12.94 -10.80
N CYS A 19 4.66 12.72 -10.38
CA CYS A 19 3.65 13.83 -10.31
C CYS A 19 2.32 13.29 -9.77
N ASN A 20 1.40 14.17 -9.44
CA ASN A 20 0.05 13.78 -8.91
C ASN A 20 -0.43 12.44 -9.50
N SER A 21 -0.15 12.19 -10.76
CA SER A 21 -0.56 10.91 -11.39
C SER A 21 -0.01 9.68 -10.61
N CYS A 22 0.94 9.88 -9.77
CA CYS A 22 1.50 8.72 -9.01
C CYS A 22 0.79 8.57 -7.66
N VAL A 23 0.32 9.66 -7.10
CA VAL A 23 -0.39 9.57 -5.80
C VAL A 23 -1.85 9.25 -6.04
N TRP A 24 -2.40 9.71 -7.13
CA TRP A 24 -3.82 9.35 -7.38
C TRP A 24 -3.88 7.96 -8.03
N THR A 25 -2.81 7.52 -8.67
CA THR A 25 -2.85 6.13 -9.26
C THR A 25 -2.54 5.07 -8.21
N ILE A 26 -1.80 5.40 -7.17
CA ILE A 26 -1.48 4.38 -6.11
C ILE A 26 -2.45 4.51 -4.94
N GLU A 27 -2.96 5.69 -4.72
CA GLU A 27 -3.95 5.89 -3.62
C GLU A 27 -5.27 5.29 -4.08
N GLN A 28 -5.54 5.42 -5.36
CA GLN A 28 -6.79 4.80 -5.90
C GLN A 28 -6.55 3.31 -6.13
N GLN A 29 -5.33 2.94 -6.47
CA GLN A 29 -5.05 1.47 -6.68
C GLN A 29 -5.02 0.74 -5.34
N ILE A 30 -4.14 1.10 -4.44
CA ILE A 30 -4.10 0.41 -3.12
C ILE A 30 -5.46 0.55 -2.40
N GLY A 31 -6.05 1.72 -2.50
CA GLY A 31 -7.38 1.96 -1.85
C GLY A 31 -8.35 0.82 -2.17
N LYS A 32 -8.42 0.44 -3.42
CA LYS A 32 -9.34 -0.68 -3.79
C LYS A 32 -8.62 -1.73 -4.66
N VAL A 33 -7.39 -2.05 -4.32
CA VAL A 33 -6.62 -3.07 -5.12
C VAL A 33 -7.15 -4.49 -4.87
N ASN A 34 -7.49 -4.82 -3.64
CA ASN A 34 -8.01 -6.20 -3.35
C ASN A 34 -8.54 -6.30 -1.92
N GLY A 35 -7.74 -5.90 -0.95
CA GLY A 35 -8.20 -5.97 0.48
C GLY A 35 -7.53 -4.86 1.28
N VAL A 36 -8.07 -3.67 1.22
CA VAL A 36 -7.48 -2.54 1.98
C VAL A 36 -8.62 -1.73 2.57
N HIS A 37 -8.87 -1.93 3.82
CA HIS A 37 -9.99 -1.19 4.50
C HIS A 37 -9.63 0.30 4.64
N HIS A 38 -8.36 0.61 4.72
CA HIS A 38 -7.90 2.03 4.83
C HIS A 38 -6.60 2.18 4.02
N ILE A 39 -6.51 3.17 3.16
CA ILE A 39 -5.27 3.33 2.34
C ILE A 39 -4.74 4.77 2.48
N LYS A 40 -3.45 4.93 2.58
CA LYS A 40 -2.87 6.30 2.70
C LYS A 40 -1.47 6.34 2.05
N VAL A 41 -1.38 6.95 0.89
CA VAL A 41 -0.07 7.04 0.18
C VAL A 41 0.45 8.49 0.27
N SER A 42 1.68 8.74 -0.13
CA SER A 42 2.23 10.12 -0.01
C SER A 42 3.31 10.37 -1.07
N LEU A 43 2.91 10.78 -2.25
CA LEU A 43 3.91 11.05 -3.36
C LEU A 43 5.10 11.89 -2.85
N GLU A 44 4.89 12.79 -1.91
CA GLU A 44 6.04 13.61 -1.42
C GLU A 44 6.82 12.85 -0.35
N GLU A 45 6.16 12.18 0.54
CA GLU A 45 6.89 11.38 1.56
C GLU A 45 7.33 10.04 0.96
N LYS A 46 7.12 9.84 -0.33
CA LYS A 46 7.52 8.56 -1.01
C LYS A 46 7.17 7.33 -0.13
N ASN A 47 5.94 7.23 0.33
CA ASN A 47 5.56 6.07 1.20
C ASN A 47 4.06 5.77 1.13
N ALA A 48 3.68 4.55 1.44
CA ALA A 48 2.24 4.17 1.42
C ALA A 48 1.91 3.33 2.66
N THR A 49 0.90 3.72 3.40
CA THR A 49 0.52 2.94 4.62
C THR A 49 -0.97 2.60 4.58
N ILE A 50 -1.30 1.33 4.59
CA ILE A 50 -2.74 0.93 4.52
C ILE A 50 -3.01 -0.29 5.42
N ILE A 51 -4.25 -0.69 5.50
CA ILE A 51 -4.61 -1.90 6.29
C ILE A 51 -5.20 -2.92 5.32
N TYR A 52 -5.05 -4.18 5.60
CA TYR A 52 -5.54 -5.20 4.65
C TYR A 52 -5.86 -6.51 5.38
N ASP A 53 -6.46 -7.44 4.68
CA ASP A 53 -6.77 -8.75 5.30
C ASP A 53 -5.54 -9.67 5.16
N PRO A 54 -4.96 -10.04 6.27
CA PRO A 54 -3.75 -10.93 6.24
C PRO A 54 -4.10 -12.25 5.57
N LYS A 55 -5.36 -12.60 5.55
CA LYS A 55 -5.81 -13.86 4.88
C LYS A 55 -5.91 -13.66 3.35
N LEU A 56 -5.79 -12.43 2.88
CA LEU A 56 -5.88 -12.17 1.40
C LEU A 56 -4.71 -11.29 0.93
N GLN A 57 -4.43 -10.22 1.63
CA GLN A 57 -3.29 -9.33 1.22
C GLN A 57 -2.14 -9.43 2.24
N THR A 58 -0.95 -9.15 1.80
CA THR A 58 0.24 -9.23 2.72
C THR A 58 1.25 -8.12 2.40
N PRO A 59 2.29 -8.03 3.20
CA PRO A 59 3.34 -6.98 2.98
C PRO A 59 4.09 -7.17 1.65
N LYS A 60 4.11 -8.36 1.13
CA LYS A 60 4.82 -8.61 -0.16
C LYS A 60 3.87 -8.41 -1.34
N THR A 61 2.60 -8.65 -1.13
CA THR A 61 1.60 -8.44 -2.22
C THR A 61 1.24 -6.95 -2.23
N LEU A 62 1.38 -6.31 -1.10
CA LEU A 62 1.13 -4.84 -1.03
C LEU A 62 2.33 -4.13 -1.65
N GLN A 63 3.48 -4.77 -1.58
CA GLN A 63 4.72 -4.22 -2.20
C GLN A 63 4.70 -4.60 -3.69
N GLU A 64 3.99 -5.66 -4.00
CA GLU A 64 3.85 -6.10 -5.42
C GLU A 64 2.71 -5.30 -6.05
N ALA A 65 1.86 -4.75 -5.20
CA ALA A 65 0.75 -3.90 -5.71
C ALA A 65 1.35 -2.52 -6.00
N ILE A 66 2.37 -2.17 -5.27
CA ILE A 66 3.08 -0.88 -5.54
C ILE A 66 4.00 -1.11 -6.72
N ASP A 67 4.60 -2.28 -6.76
CA ASP A 67 5.46 -2.62 -7.93
C ASP A 67 4.55 -2.83 -9.15
N ASP A 68 3.33 -3.27 -8.91
CA ASP A 68 2.34 -3.46 -10.04
C ASP A 68 1.93 -2.09 -10.57
N MET A 69 1.59 -1.17 -9.70
CA MET A 69 1.20 0.20 -10.15
C MET A 69 2.33 0.81 -10.98
N GLY A 70 3.56 0.55 -10.63
CA GLY A 70 4.71 1.09 -11.41
C GLY A 70 5.59 1.97 -10.52
N PHE A 71 5.74 1.63 -9.27
CA PHE A 71 6.60 2.46 -8.35
C PHE A 71 7.49 1.55 -7.49
N ASP A 72 8.70 1.97 -7.22
CA ASP A 72 9.60 1.13 -6.37
C ASP A 72 8.98 0.92 -4.98
N ALA A 73 8.92 -0.31 -4.54
CA ALA A 73 8.30 -0.59 -3.21
C ALA A 73 9.39 -0.99 -2.19
N VAL A 74 9.55 -0.21 -1.16
CA VAL A 74 10.57 -0.50 -0.12
C VAL A 74 9.86 -0.59 1.25
N ILE A 75 9.13 -1.65 1.44
CA ILE A 75 8.36 -1.89 2.71
C ILE A 75 9.08 -1.37 3.94
N HIS A 76 8.35 -0.73 4.81
CA HIS A 76 8.95 -0.20 6.08
C HIS A 76 8.32 -0.89 7.32
N ASN A 77 7.42 -1.82 7.11
CA ASN A 77 6.77 -2.53 8.26
C ASN A 77 6.94 -4.05 8.10
N PRO A 78 7.06 -4.76 9.21
CA PRO A 78 7.22 -6.25 9.16
C PRO A 78 5.93 -6.90 8.61
N ASP A 79 4.79 -6.40 9.01
CA ASP A 79 3.51 -6.97 8.51
C ASP A 79 3.11 -6.24 7.22
CU CU1 B . 3.02 11.02 -11.72
N MET A 1 -17.00 -0.47 16.24
CA MET A 1 -16.57 -0.27 14.82
C MET A 1 -15.45 -1.26 14.46
N ASP A 2 -15.30 -1.58 13.20
CA ASP A 2 -14.25 -2.55 12.78
C ASP A 2 -13.37 -1.98 11.66
N PRO A 3 -12.65 -0.94 11.98
CA PRO A 3 -11.71 -0.33 11.00
C PRO A 3 -10.50 -1.25 10.83
N SER A 4 -10.25 -2.09 11.80
CA SER A 4 -9.09 -3.03 11.72
C SER A 4 -9.07 -4.00 12.91
N MET A 5 -10.21 -4.33 13.47
CA MET A 5 -10.22 -5.29 14.63
C MET A 5 -9.46 -6.57 14.25
N GLY A 6 -9.68 -7.07 13.06
CA GLY A 6 -8.94 -8.29 12.61
C GLY A 6 -8.24 -8.01 11.28
N VAL A 7 -7.73 -6.80 11.10
CA VAL A 7 -7.03 -6.44 9.83
C VAL A 7 -5.56 -6.08 10.12
N ASN A 8 -4.75 -5.96 9.10
CA ASN A 8 -3.31 -5.64 9.32
C ASN A 8 -2.97 -4.26 8.71
N SER A 9 -1.80 -3.76 9.00
CA SER A 9 -1.38 -2.44 8.44
C SER A 9 -0.01 -2.55 7.79
N VAL A 10 0.12 -2.10 6.58
CA VAL A 10 1.43 -2.18 5.87
C VAL A 10 1.89 -0.80 5.39
N THR A 11 3.16 -0.51 5.57
CA THR A 11 3.70 0.80 5.12
C THR A 11 4.79 0.54 4.06
N ILE A 12 4.61 1.07 2.89
CA ILE A 12 5.60 0.82 1.79
C ILE A 12 6.39 2.10 1.45
N SER A 13 7.69 2.05 1.63
CA SER A 13 8.52 3.24 1.26
C SER A 13 8.57 3.33 -0.26
N VAL A 14 8.01 4.37 -0.83
CA VAL A 14 7.99 4.49 -2.31
C VAL A 14 8.83 5.68 -2.79
N GLU A 15 9.70 5.47 -3.75
CA GLU A 15 10.53 6.60 -4.26
C GLU A 15 10.15 6.97 -5.71
N GLY A 16 9.43 6.11 -6.40
CA GLY A 16 9.06 6.43 -7.81
C GLY A 16 7.85 7.40 -7.87
N MET A 17 7.71 8.30 -6.93
CA MET A 17 6.56 9.26 -6.98
C MET A 17 6.85 10.36 -8.02
N THR A 18 6.72 10.02 -9.28
CA THR A 18 6.99 11.01 -10.38
C THR A 18 6.21 12.32 -10.18
N CYS A 19 5.03 12.23 -9.63
CA CYS A 19 4.19 13.45 -9.39
C CYS A 19 2.86 13.01 -8.77
N ASN A 20 2.12 13.93 -8.20
CA ASN A 20 0.80 13.60 -7.56
C ASN A 20 0.03 12.54 -8.38
N SER A 21 0.17 12.55 -9.69
CA SER A 21 -0.50 11.52 -10.56
C SER A 21 -0.20 10.08 -10.06
N CYS A 22 0.84 9.93 -9.28
CA CYS A 22 1.24 8.60 -8.73
C CYS A 22 0.52 8.36 -7.40
N VAL A 23 0.10 9.42 -6.78
CA VAL A 23 -0.66 9.30 -5.51
C VAL A 23 -2.09 8.98 -5.89
N TRP A 24 -2.56 9.55 -6.98
CA TRP A 24 -3.96 9.24 -7.42
C TRP A 24 -3.98 7.83 -8.03
N THR A 25 -2.90 7.43 -8.62
CA THR A 25 -2.86 6.05 -9.24
C THR A 25 -2.58 4.98 -8.15
N ILE A 26 -2.06 5.38 -7.02
CA ILE A 26 -1.77 4.41 -5.92
C ILE A 26 -2.89 4.48 -4.87
N GLU A 27 -3.59 5.58 -4.85
CA GLU A 27 -4.74 5.73 -3.92
C GLU A 27 -5.90 4.96 -4.53
N GLN A 28 -5.99 5.00 -5.83
CA GLN A 28 -7.08 4.24 -6.52
C GLN A 28 -6.66 2.77 -6.65
N GLN A 29 -5.39 2.51 -6.90
CA GLN A 29 -4.96 1.09 -7.03
C GLN A 29 -4.92 0.41 -5.65
N ILE A 30 -4.09 0.88 -4.76
CA ILE A 30 -4.05 0.25 -3.39
C ILE A 30 -5.42 0.41 -2.73
N GLY A 31 -6.01 1.58 -2.80
CA GLY A 31 -7.36 1.81 -2.20
C GLY A 31 -8.35 0.71 -2.65
N LYS A 32 -8.23 0.26 -3.88
CA LYS A 32 -9.18 -0.80 -4.36
C LYS A 32 -8.38 -1.98 -4.98
N VAL A 33 -7.23 -2.29 -4.43
CA VAL A 33 -6.40 -3.40 -5.00
C VAL A 33 -6.98 -4.78 -4.63
N ASN A 34 -7.44 -4.97 -3.41
CA ASN A 34 -8.01 -6.31 -3.02
C ASN A 34 -8.56 -6.26 -1.58
N GLY A 35 -7.76 -5.86 -0.63
CA GLY A 35 -8.23 -5.81 0.79
C GLY A 35 -7.59 -4.60 1.47
N VAL A 36 -8.12 -3.42 1.25
CA VAL A 36 -7.53 -2.21 1.87
C VAL A 36 -8.64 -1.35 2.47
N HIS A 37 -8.95 -1.62 3.70
CA HIS A 37 -10.00 -0.82 4.41
C HIS A 37 -9.50 0.62 4.61
N HIS A 38 -8.20 0.80 4.69
CA HIS A 38 -7.60 2.17 4.84
C HIS A 38 -6.32 2.25 4.00
N ILE A 39 -6.23 3.22 3.13
CA ILE A 39 -5.01 3.36 2.27
C ILE A 39 -4.43 4.77 2.40
N LYS A 40 -3.13 4.89 2.55
CA LYS A 40 -2.51 6.24 2.70
C LYS A 40 -1.33 6.40 1.72
N VAL A 41 -1.40 7.38 0.87
CA VAL A 41 -0.28 7.62 -0.10
C VAL A 41 0.45 8.90 0.31
N SER A 42 1.63 9.13 -0.19
CA SER A 42 2.39 10.35 0.20
C SER A 42 3.33 10.78 -0.93
N LEU A 43 2.81 11.54 -1.86
CA LEU A 43 3.64 12.01 -3.01
C LEU A 43 4.93 12.69 -2.54
N GLU A 44 4.81 13.73 -1.75
CA GLU A 44 6.04 14.45 -1.27
C GLU A 44 6.82 13.58 -0.29
N GLU A 45 6.13 12.96 0.62
CA GLU A 45 6.83 12.07 1.60
C GLU A 45 7.21 10.73 0.94
N LYS A 46 7.01 10.61 -0.36
CA LYS A 46 7.36 9.35 -1.10
C LYS A 46 7.07 8.10 -0.24
N ASN A 47 5.82 7.82 0.04
CA ASN A 47 5.49 6.61 0.87
C ASN A 47 4.05 6.12 0.66
N ALA A 48 3.85 4.83 0.71
CA ALA A 48 2.49 4.25 0.54
C ALA A 48 2.14 3.39 1.77
N THR A 49 1.25 3.83 2.59
CA THR A 49 0.87 3.04 3.81
C THR A 49 -0.58 2.60 3.69
N ILE A 50 -0.92 1.42 4.12
CA ILE A 50 -2.34 0.97 3.99
C ILE A 50 -2.59 -0.26 4.87
N ILE A 51 -3.83 -0.51 5.22
CA ILE A 51 -4.15 -1.68 6.07
C ILE A 51 -4.85 -2.74 5.21
N TYR A 52 -4.84 -3.97 5.64
CA TYR A 52 -5.42 -5.06 4.80
C TYR A 52 -5.73 -6.31 5.62
N ASP A 53 -6.50 -7.21 5.06
CA ASP A 53 -6.85 -8.46 5.78
C ASP A 53 -5.64 -9.40 5.86
N PRO A 54 -5.14 -9.61 7.07
CA PRO A 54 -3.98 -10.51 7.28
C PRO A 54 -4.42 -11.96 7.04
N LYS A 55 -4.74 -12.27 5.82
CA LYS A 55 -5.21 -13.63 5.45
C LYS A 55 -5.44 -13.71 3.94
N LEU A 56 -6.09 -12.73 3.38
CA LEU A 56 -6.34 -12.72 1.91
C LEU A 56 -5.30 -11.81 1.21
N GLN A 57 -4.75 -10.85 1.91
CA GLN A 57 -3.72 -9.95 1.30
C GLN A 57 -2.48 -9.87 2.20
N THR A 58 -1.31 -9.75 1.62
CA THR A 58 -0.06 -9.68 2.46
C THR A 58 0.87 -8.56 1.95
N PRO A 59 1.85 -8.22 2.77
CA PRO A 59 2.83 -7.17 2.39
C PRO A 59 3.62 -7.59 1.15
N LYS A 60 3.66 -8.87 0.86
CA LYS A 60 4.36 -9.35 -0.36
C LYS A 60 3.46 -9.06 -1.57
N THR A 61 2.17 -9.23 -1.39
CA THR A 61 1.19 -8.92 -2.47
C THR A 61 1.01 -7.41 -2.52
N LEU A 62 1.22 -6.75 -1.41
CA LEU A 62 1.14 -5.25 -1.38
C LEU A 62 2.39 -4.73 -2.09
N GLN A 63 3.45 -5.52 -2.05
CA GLN A 63 4.72 -5.16 -2.75
C GLN A 63 4.61 -5.63 -4.19
N GLU A 64 3.72 -6.55 -4.45
CA GLU A 64 3.50 -7.05 -5.83
C GLU A 64 2.43 -6.18 -6.48
N ALA A 65 1.68 -5.48 -5.66
CA ALA A 65 0.64 -4.55 -6.18
C ALA A 65 1.30 -3.19 -6.43
N ILE A 66 2.32 -2.88 -5.67
CA ILE A 66 3.05 -1.60 -5.91
C ILE A 66 4.00 -1.83 -7.07
N ASP A 67 4.50 -3.04 -7.19
CA ASP A 67 5.37 -3.37 -8.34
C ASP A 67 4.48 -3.43 -9.59
N ASP A 68 3.22 -3.80 -9.39
CA ASP A 68 2.25 -3.87 -10.52
C ASP A 68 2.01 -2.47 -11.12
N MET A 69 1.74 -1.49 -10.28
CA MET A 69 1.50 -0.11 -10.80
C MET A 69 2.80 0.48 -11.39
N GLY A 70 3.93 0.19 -10.78
CA GLY A 70 5.22 0.73 -11.32
C GLY A 70 5.77 1.81 -10.39
N PHE A 71 6.02 1.47 -9.16
CA PHE A 71 6.55 2.47 -8.19
C PHE A 71 7.62 1.84 -7.30
N ASP A 72 8.82 2.39 -7.31
CA ASP A 72 9.90 1.82 -6.44
C ASP A 72 9.40 1.75 -4.99
N ALA A 73 9.06 0.57 -4.51
CA ALA A 73 8.52 0.45 -3.12
C ALA A 73 9.42 -0.38 -2.21
N VAL A 74 9.46 -0.04 -0.94
CA VAL A 74 10.28 -0.78 0.05
C VAL A 74 9.46 -0.93 1.35
N ILE A 75 8.59 -1.89 1.38
CA ILE A 75 7.71 -2.13 2.54
C ILE A 75 8.48 -2.17 3.87
N HIS A 76 7.79 -1.81 4.92
CA HIS A 76 8.38 -1.80 6.28
C HIS A 76 7.78 -2.95 7.13
N ASN A 77 7.07 -3.87 6.51
CA ASN A 77 6.45 -5.01 7.26
C ASN A 77 6.79 -6.35 6.55
N PRO A 78 7.06 -7.37 7.35
CA PRO A 78 7.41 -8.70 6.78
C PRO A 78 6.16 -9.49 6.37
N ASP A 79 5.26 -9.75 7.29
CA ASP A 79 4.03 -10.53 6.96
C ASP A 79 2.77 -9.80 7.46
CU CU1 B . 3.13 10.87 -11.10
#